data_6P8B
#
_entry.id   6P8B
#
_cell.length_a   97.335
_cell.length_b   97.335
_cell.length_c   216.744
_cell.angle_alpha   90.000
_cell.angle_beta   90.000
_cell.angle_gamma   120.000
#
_symmetry.space_group_name_H-M   'P 32 2 1'
#
loop_
_entity.id
_entity.type
_entity.pdbx_description
1 polymer 'UDP-3-O-(3-hydroxymyristoyl)glucosamine N-acyltransferase'
2 polymer FITC-RJPXD33
3 non-polymer 'MAGNESIUM ION'
4 non-polymer 3-hydroxy-7,7-dimethyl-2-phenyl-4-(thiophen-2-yl)-2,6,7,8-tetrahydro-5H-pyrazolo[3,4-b]quinolin-5-one
5 water water
#
loop_
_entity_poly.entity_id
_entity_poly.type
_entity_poly.pdbx_seq_one_letter_code
_entity_poly.pdbx_strand_id
1 'polypeptide(L)'
;GSGGSIRLADLAQQLDAELHGDGDIVITGVASMQSAQTGHITFMVNPKYREHLGLCQASAVVMTQDDLPFAKSAALVVKN
PYLTYARMAQILDTTPQPAQNIAPSAVIDATAKLGNNVSIGANAVIESGVELGDNVIIGAGCFVGKNSKIGAGSRLWANV
TIYHEIQIGQNCLIQSGTVVGADGFGYANDRGNWVKIPQIGRVIIGDRVEIGACTTIDRGALDDTIIGNGVIIDNQCQIA
HNVVIGDNTAVAGGVIMAGSLKIGRYCMIGGASVINGHMEICDKVTVTGMGMVMRPITEPGVYSSGIPLQPNKVWRKTAA
LVMNIDDMSKRLKSLERKVNQQD
;
A,B,C
2 'polypeptide(L)' TNLYMLPKWDIP L
#
loop_
_chem_comp.id
_chem_comp.type
_chem_comp.name
_chem_comp.formula
MG non-polymer 'MAGNESIUM ION' 'Mg 2'
O3V non-polymer 3-hydroxy-7,7-dimethyl-2-phenyl-4-(thiophen-2-yl)-2,6,7,8-tetrahydro-5H-pyrazolo[3,4-b]quinolin-5-one 'C22 H19 N3 O2 S'
#
# COMPACT_ATOMS: atom_id res chain seq x y z
N SER A 5 13.24 -35.66 2.49
CA SER A 5 14.10 -36.32 1.51
C SER A 5 13.48 -37.61 1.01
N ILE A 6 13.61 -37.82 -0.30
CA ILE A 6 12.86 -38.83 -1.02
C ILE A 6 13.76 -39.43 -2.08
N ARG A 7 13.62 -40.73 -2.33
CA ARG A 7 14.35 -41.37 -3.41
C ARG A 7 13.83 -40.88 -4.75
N LEU A 8 14.76 -40.64 -5.68
CA LEU A 8 14.38 -40.12 -7.01
C LEU A 8 13.22 -40.90 -7.61
N ALA A 9 13.33 -42.25 -7.63
CA ALA A 9 12.30 -43.06 -8.28
C ALA A 9 10.94 -42.85 -7.63
N ASP A 10 10.91 -42.79 -6.28
CA ASP A 10 9.66 -42.49 -5.58
C ASP A 10 9.13 -41.12 -5.98
N LEU A 11 10.01 -40.14 -6.16
CA LEU A 11 9.58 -38.80 -6.56
C LEU A 11 9.01 -38.81 -7.97
N ALA A 12 9.72 -39.45 -8.91
CA ALA A 12 9.23 -39.46 -10.29
C ALA A 12 7.90 -40.17 -10.39
N GLN A 13 7.63 -41.13 -9.51
CA GLN A 13 6.33 -41.79 -9.49
C GLN A 13 5.24 -40.81 -9.07
N GLN A 14 5.46 -40.07 -7.98
CA GLN A 14 4.48 -39.08 -7.53
C GLN A 14 4.28 -37.98 -8.56
N LEU A 15 5.24 -37.74 -9.43
CA LEU A 15 5.14 -36.66 -10.40
C LEU A 15 4.66 -37.13 -11.77
N ASP A 16 4.44 -38.43 -11.94
CA ASP A 16 4.10 -39.03 -13.24
C ASP A 16 5.11 -38.61 -14.30
N ALA A 17 6.38 -38.79 -13.99
CA ALA A 17 7.48 -38.43 -14.87
C ALA A 17 8.26 -39.66 -15.26
N GLU A 18 8.80 -39.64 -16.48
CA GLU A 18 9.59 -40.74 -16.99
C GLU A 18 11.03 -40.57 -16.54
N LEU A 19 11.46 -41.39 -15.58
CA LEU A 19 12.81 -41.32 -15.03
C LEU A 19 13.84 -41.82 -16.05
N HIS A 20 14.95 -41.09 -16.16
CA HIS A 20 16.08 -41.48 -17.01
C HIS A 20 17.32 -41.38 -16.15
N GLY A 21 17.64 -42.48 -15.46
CA GLY A 21 18.84 -42.55 -14.67
C GLY A 21 18.57 -43.20 -13.33
N ASP A 22 19.58 -43.13 -12.46
CA ASP A 22 19.55 -43.84 -11.19
C ASP A 22 18.38 -43.38 -10.33
N GLY A 23 17.44 -44.31 -10.07
CA GLY A 23 16.30 -44.05 -9.20
C GLY A 23 16.62 -44.06 -7.71
N ASP A 24 17.80 -44.53 -7.32
CA ASP A 24 18.20 -44.55 -5.93
C ASP A 24 18.79 -43.23 -5.45
N ILE A 25 18.87 -42.22 -6.31
CA ILE A 25 19.38 -40.92 -5.88
C ILE A 25 18.43 -40.32 -4.86
N VAL A 26 18.98 -39.91 -3.72
CA VAL A 26 18.20 -39.22 -2.69
C VAL A 26 18.11 -37.74 -3.05
N ILE A 27 16.88 -37.24 -3.18
CA ILE A 27 16.59 -35.83 -3.41
C ILE A 27 16.15 -35.21 -2.09
N THR A 28 16.79 -34.10 -1.73
CA THR A 28 16.51 -33.38 -0.48
C THR A 28 15.77 -32.06 -0.68
N GLY A 29 15.82 -31.49 -1.88
CA GLY A 29 15.20 -30.19 -2.10
C GLY A 29 15.31 -29.78 -3.55
N VAL A 30 14.65 -28.64 -3.84
CA VAL A 30 14.61 -27.97 -5.14
C VAL A 30 15.59 -26.81 -5.13
N ALA A 31 16.17 -26.49 -6.29
CA ALA A 31 17.09 -25.36 -6.42
C ALA A 31 17.06 -24.91 -7.88
N SER A 32 17.43 -23.63 -8.09
CA SER A 32 17.63 -23.10 -9.43
C SER A 32 18.70 -23.91 -10.16
N MET A 33 18.71 -23.80 -11.50
CA MET A 33 19.77 -24.46 -12.26
C MET A 33 21.15 -23.92 -11.87
N GLN A 34 21.27 -22.59 -11.70
CA GLN A 34 22.56 -22.03 -11.36
C GLN A 34 23.02 -22.45 -9.97
N SER A 35 22.09 -22.69 -9.04
CA SER A 35 22.49 -22.96 -7.66
C SER A 35 22.52 -24.43 -7.29
N ALA A 36 21.91 -25.31 -8.08
CA ALA A 36 21.68 -26.69 -7.64
C ALA A 36 23.00 -27.40 -7.34
N GLN A 37 22.98 -28.20 -6.26
CA GLN A 37 24.09 -29.06 -5.84
C GLN A 37 23.62 -30.51 -5.78
N THR A 38 24.57 -31.40 -5.49
CA THR A 38 24.22 -32.78 -5.14
C THR A 38 23.08 -32.78 -4.13
N GLY A 39 22.04 -33.55 -4.41
CA GLY A 39 20.88 -33.64 -3.56
C GLY A 39 19.67 -32.90 -4.07
N HIS A 40 19.85 -31.93 -4.97
CA HIS A 40 18.81 -31.03 -5.45
C HIS A 40 18.21 -31.51 -6.75
N ILE A 41 16.92 -31.32 -6.88
CA ILE A 41 16.28 -31.43 -8.19
C ILE A 41 16.03 -30.01 -8.67
N THR A 42 16.15 -29.81 -9.97
CA THR A 42 15.84 -28.52 -10.56
C THR A 42 15.05 -28.77 -11.85
N PHE A 43 14.80 -27.72 -12.64
CA PHE A 43 14.00 -27.89 -13.86
C PHE A 43 14.49 -26.90 -14.89
N MET A 44 14.14 -27.14 -16.15
CA MET A 44 14.35 -26.16 -17.21
C MET A 44 13.12 -26.06 -18.10
N VAL A 45 12.91 -24.87 -18.65
CA VAL A 45 11.76 -24.57 -19.52
C VAL A 45 12.27 -23.85 -20.76
N ASN A 46 13.40 -23.16 -20.64
CA ASN A 46 13.97 -22.42 -21.76
C ASN A 46 15.04 -23.24 -22.44
N PRO A 47 14.97 -23.46 -23.76
CA PRO A 47 16.00 -24.28 -24.42
C PRO A 47 17.39 -23.63 -24.39
N LYS A 48 17.47 -22.34 -24.08
CA LYS A 48 18.75 -21.65 -23.96
C LYS A 48 19.70 -22.35 -22.99
N TYR A 49 19.15 -23.04 -21.98
CA TYR A 49 19.98 -23.67 -20.96
C TYR A 49 20.57 -25.00 -21.42
N ARG A 50 20.21 -25.48 -22.60
CA ARG A 50 20.65 -26.81 -23.01
C ARG A 50 22.16 -26.89 -23.11
N GLU A 51 22.79 -25.87 -23.70
CA GLU A 51 24.21 -25.98 -24.05
C GLU A 51 25.07 -26.19 -22.82
N HIS A 52 24.71 -25.58 -21.69
CA HIS A 52 25.53 -25.61 -20.49
C HIS A 52 24.93 -26.49 -19.38
N LEU A 53 24.15 -27.51 -19.73
CA LEU A 53 23.64 -28.41 -18.70
C LEU A 53 24.75 -29.18 -18.00
N GLY A 54 25.91 -29.35 -18.64
CA GLY A 54 27.01 -30.00 -17.96
C GLY A 54 27.64 -29.15 -16.88
N LEU A 55 27.29 -27.86 -16.85
CA LEU A 55 27.66 -27.01 -15.75
C LEU A 55 26.67 -27.09 -14.60
N CYS A 56 25.48 -27.64 -14.82
CA CYS A 56 24.50 -27.79 -13.74
C CYS A 56 24.88 -28.96 -12.84
N GLN A 57 24.95 -28.71 -11.54
CA GLN A 57 25.33 -29.74 -10.59
C GLN A 57 24.15 -30.30 -9.81
N ALA A 58 22.93 -30.14 -10.32
CA ALA A 58 21.79 -30.82 -9.72
C ALA A 58 21.91 -32.33 -9.89
N SER A 59 21.40 -33.07 -8.91
CA SER A 59 21.25 -34.52 -9.04
C SER A 59 20.26 -34.90 -10.13
N ALA A 60 19.24 -34.09 -10.37
CA ALA A 60 18.22 -34.39 -11.37
C ALA A 60 17.66 -33.11 -11.96
N VAL A 61 17.40 -33.12 -13.25
CA VAL A 61 16.80 -32.02 -13.97
C VAL A 61 15.48 -32.47 -14.60
N VAL A 62 14.39 -31.81 -14.23
CA VAL A 62 13.11 -31.98 -14.88
C VAL A 62 13.13 -31.25 -16.22
N MET A 63 12.76 -31.95 -17.30
CA MET A 63 12.77 -31.39 -18.65
C MET A 63 11.74 -32.12 -19.53
N THR A 64 11.67 -31.69 -20.80
CA THR A 64 10.83 -32.32 -21.82
C THR A 64 11.62 -33.37 -22.60
N GLN A 65 10.92 -34.09 -23.49
CA GLN A 65 11.58 -35.10 -24.33
C GLN A 65 12.61 -34.47 -25.25
N ASP A 66 12.29 -33.32 -25.86
CA ASP A 66 13.25 -32.64 -26.72
C ASP A 66 14.50 -32.20 -25.97
N ASP A 67 14.47 -32.15 -24.64
CA ASP A 67 15.67 -31.80 -23.89
C ASP A 67 16.58 -33.00 -23.67
N LEU A 68 16.01 -34.20 -23.56
CA LEU A 68 16.78 -35.37 -23.13
C LEU A 68 18.08 -35.57 -23.88
N PRO A 69 18.18 -35.34 -25.20
CA PRO A 69 19.48 -35.53 -25.87
C PRO A 69 20.59 -34.69 -25.28
N PHE A 70 20.25 -33.58 -24.63
CA PHE A 70 21.23 -32.66 -24.06
C PHE A 70 21.50 -32.93 -22.58
N ALA A 71 20.71 -33.78 -21.94
CA ALA A 71 20.89 -34.07 -20.53
C ALA A 71 22.33 -34.48 -20.23
N LYS A 72 22.83 -34.02 -19.09
CA LYS A 72 24.14 -34.37 -18.57
C LYS A 72 24.03 -34.85 -17.14
N SER A 73 22.87 -35.35 -16.76
CA SER A 73 22.58 -35.91 -15.44
C SER A 73 21.26 -36.65 -15.54
N ALA A 74 20.89 -37.35 -14.47
CA ALA A 74 19.56 -37.93 -14.38
C ALA A 74 18.50 -36.91 -14.77
N ALA A 75 17.49 -37.36 -15.51
CA ALA A 75 16.43 -36.49 -15.99
C ALA A 75 15.07 -37.09 -15.64
N LEU A 76 14.11 -36.20 -15.44
CA LEU A 76 12.69 -36.56 -15.36
C LEU A 76 12.02 -35.89 -16.55
N VAL A 77 11.54 -36.70 -17.49
CA VAL A 77 10.89 -36.16 -18.67
C VAL A 77 9.40 -36.04 -18.38
N VAL A 78 8.83 -34.91 -18.78
CA VAL A 78 7.43 -34.59 -18.49
C VAL A 78 6.98 -33.64 -19.59
N LYS A 79 5.66 -33.48 -19.72
CA LYS A 79 5.15 -32.56 -20.73
C LYS A 79 5.31 -31.11 -20.28
N ASN A 80 5.02 -30.84 -19.00
CA ASN A 80 5.03 -29.49 -18.44
C ASN A 80 6.08 -29.42 -17.33
N PRO A 81 7.30 -29.00 -17.65
CA PRO A 81 8.32 -28.89 -16.59
C PRO A 81 7.94 -27.85 -15.52
N TYR A 82 7.29 -26.76 -15.90
CA TYR A 82 6.94 -25.75 -14.91
C TYR A 82 5.87 -26.24 -13.93
N LEU A 83 4.90 -27.02 -14.41
CA LEU A 83 3.90 -27.58 -13.51
C LEU A 83 4.51 -28.67 -12.66
N THR A 84 5.41 -29.47 -13.23
CA THR A 84 6.11 -30.48 -12.45
C THR A 84 6.94 -29.81 -11.35
N TYR A 85 7.52 -28.66 -11.64
CA TYR A 85 8.29 -27.93 -10.63
C TYR A 85 7.38 -27.50 -9.47
N ALA A 86 6.24 -26.89 -9.78
CA ALA A 86 5.31 -26.55 -8.72
C ALA A 86 5.01 -27.76 -7.84
N ARG A 87 4.80 -28.93 -8.46
CA ARG A 87 4.39 -30.11 -7.68
C ARG A 87 5.54 -30.64 -6.84
N MET A 88 6.72 -30.80 -7.45
CA MET A 88 7.86 -31.31 -6.69
C MET A 88 8.28 -30.34 -5.58
N ALA A 89 7.98 -29.06 -5.74
CA ALA A 89 8.30 -28.07 -4.71
C ALA A 89 7.34 -28.21 -3.52
N GLN A 90 6.07 -28.53 -3.79
CA GLN A 90 5.13 -28.84 -2.71
C GLN A 90 5.55 -30.09 -1.95
N ILE A 91 6.04 -31.11 -2.66
CA ILE A 91 6.47 -32.34 -2.00
C ILE A 91 7.70 -32.07 -1.15
N LEU A 92 8.62 -31.25 -1.64
CA LEU A 92 9.86 -30.97 -0.93
C LEU A 92 9.82 -29.66 -0.16
N ASP A 93 8.62 -29.18 0.18
CA ASP A 93 8.49 -27.84 0.77
C ASP A 93 9.08 -27.79 2.18
N THR A 94 9.84 -26.72 2.46
CA THR A 94 10.45 -26.52 3.78
C THR A 94 9.76 -25.42 4.59
N THR A 95 8.86 -24.67 3.99
CA THR A 95 8.24 -23.53 4.66
C THR A 95 7.65 -23.96 6.00
N PRO A 96 8.02 -23.31 7.12
CA PRO A 96 7.33 -23.56 8.38
C PRO A 96 5.89 -23.09 8.33
N GLN A 97 5.13 -23.49 9.35
CA GLN A 97 3.75 -23.09 9.61
C GLN A 97 3.72 -21.76 10.37
N PRO A 98 2.71 -20.91 10.14
CA PRO A 98 2.59 -19.68 10.95
C PRO A 98 2.57 -19.93 12.46
N ALA A 99 2.16 -21.12 12.90
CA ALA A 99 2.02 -21.45 14.33
C ALA A 99 1.87 -22.96 14.47
N GLN A 100 2.13 -23.44 15.69
CA GLN A 100 1.98 -24.85 16.04
C GLN A 100 1.38 -24.93 17.45
N ASN A 101 0.25 -25.61 17.58
CA ASN A 101 -0.50 -25.67 18.84
C ASN A 101 -1.10 -24.33 19.20
N ILE A 102 -1.69 -24.21 20.38
CA ILE A 102 -2.31 -22.96 20.83
C ILE A 102 -1.40 -22.30 21.85
N ALA A 103 -0.93 -21.09 21.52
CA ALA A 103 0.01 -20.36 22.36
C ALA A 103 -0.67 -19.91 23.66
N PRO A 104 -0.04 -20.11 24.82
CA PRO A 104 -0.66 -19.61 26.06
C PRO A 104 -0.83 -18.11 26.08
N SER A 105 -0.07 -17.35 25.28
CA SER A 105 -0.26 -15.90 25.21
C SER A 105 -1.32 -15.49 24.19
N ALA A 106 -1.78 -16.40 23.34
CA ALA A 106 -2.96 -16.09 22.53
C ALA A 106 -4.13 -15.75 23.46
N VAL A 107 -5.00 -14.88 22.99
CA VAL A 107 -6.20 -14.50 23.72
C VAL A 107 -7.39 -14.92 22.88
N ILE A 108 -8.17 -15.87 23.39
CA ILE A 108 -9.20 -16.55 22.63
C ILE A 108 -10.51 -16.44 23.40
N ASP A 109 -11.49 -15.78 22.81
CA ASP A 109 -12.77 -15.67 23.49
C ASP A 109 -13.35 -17.06 23.76
N ALA A 110 -14.09 -17.15 24.88
CA ALA A 110 -14.60 -18.46 25.30
C ALA A 110 -15.61 -19.02 24.32
N THR A 111 -16.38 -18.16 23.65
CA THR A 111 -17.40 -18.59 22.70
C THR A 111 -16.82 -18.95 21.33
N ALA A 112 -15.50 -18.84 21.14
CA ALA A 112 -14.92 -19.27 19.87
C ALA A 112 -15.05 -20.77 19.71
N LYS A 113 -15.22 -21.22 18.47
CA LYS A 113 -15.33 -22.65 18.17
C LYS A 113 -14.15 -23.08 17.30
N LEU A 114 -13.38 -24.05 17.78
CA LEU A 114 -12.20 -24.52 17.08
C LEU A 114 -12.34 -25.99 16.71
N GLY A 115 -11.84 -26.34 15.52
CA GLY A 115 -11.84 -27.71 15.05
C GLY A 115 -10.60 -28.48 15.49
N ASN A 116 -10.45 -29.66 14.90
CA ASN A 116 -9.30 -30.50 15.16
C ASN A 116 -8.05 -29.87 14.56
N ASN A 117 -6.95 -29.94 15.29
CA ASN A 117 -5.64 -29.52 14.77
C ASN A 117 -5.59 -28.03 14.45
N VAL A 118 -6.30 -27.19 15.19
CA VAL A 118 -6.17 -25.74 15.04
C VAL A 118 -4.90 -25.28 15.76
N SER A 119 -4.07 -24.49 15.08
CA SER A 119 -2.95 -23.84 15.75
C SER A 119 -3.17 -22.34 15.76
N ILE A 120 -2.82 -21.72 16.88
CA ILE A 120 -3.00 -20.30 17.10
C ILE A 120 -1.71 -19.74 17.69
N GLY A 121 -1.12 -18.77 17.02
CA GLY A 121 0.19 -18.28 17.39
C GLY A 121 0.15 -17.28 18.52
N ALA A 122 1.35 -16.94 18.98
CA ALA A 122 1.55 -16.10 20.14
C ALA A 122 0.87 -14.73 20.00
N ASN A 123 0.15 -14.32 21.03
CA ASN A 123 -0.51 -13.02 21.10
C ASN A 123 -1.53 -12.78 19.98
N ALA A 124 -1.94 -13.80 19.25
CA ALA A 124 -3.12 -13.67 18.40
C ALA A 124 -4.33 -13.36 19.28
N VAL A 125 -5.32 -12.69 18.70
CA VAL A 125 -6.57 -12.35 19.40
C VAL A 125 -7.75 -12.88 18.56
N ILE A 126 -8.54 -13.76 19.17
CA ILE A 126 -9.73 -14.34 18.54
C ILE A 126 -10.94 -13.86 19.33
N GLU A 127 -11.85 -13.17 18.63
CA GLU A 127 -13.04 -12.53 19.19
C GLU A 127 -14.19 -13.54 19.48
N SER A 128 -15.22 -13.02 20.17
CA SER A 128 -16.41 -13.81 20.45
C SER A 128 -17.04 -14.33 19.15
N GLY A 129 -17.53 -15.57 19.20
CA GLY A 129 -18.32 -16.13 18.10
C GLY A 129 -17.54 -16.63 16.93
N VAL A 130 -16.21 -16.47 16.92
CA VAL A 130 -15.40 -16.91 15.79
C VAL A 130 -15.47 -18.44 15.65
N GLU A 131 -15.45 -18.90 14.40
CA GLU A 131 -15.38 -20.33 14.09
C GLU A 131 -14.17 -20.58 13.22
N LEU A 132 -13.32 -21.50 13.66
CA LEU A 132 -12.11 -21.89 12.95
C LEU A 132 -12.24 -23.36 12.59
N GLY A 133 -12.19 -23.66 11.29
CA GLY A 133 -12.28 -25.03 10.81
C GLY A 133 -11.07 -25.87 11.19
N ASP A 134 -11.20 -27.18 10.92
CA ASP A 134 -10.14 -28.15 11.14
C ASP A 134 -8.86 -27.73 10.42
N ASN A 135 -7.72 -27.90 11.09
CA ASN A 135 -6.40 -27.68 10.50
C ASN A 135 -6.14 -26.21 10.16
N VAL A 136 -6.97 -25.29 10.65
CA VAL A 136 -6.76 -23.86 10.43
C VAL A 136 -5.61 -23.37 11.29
N ILE A 137 -4.73 -22.56 10.71
CA ILE A 137 -3.56 -22.03 11.43
C ILE A 137 -3.65 -20.52 11.42
N ILE A 138 -3.56 -19.93 12.61
CA ILE A 138 -3.63 -18.48 12.79
C ILE A 138 -2.28 -18.01 13.31
N GLY A 139 -1.58 -17.18 12.52
CA GLY A 139 -0.26 -16.74 12.88
C GLY A 139 -0.25 -15.82 14.10
N ALA A 140 0.97 -15.57 14.59
CA ALA A 140 1.16 -14.71 15.74
C ALA A 140 0.59 -13.32 15.50
N GLY A 141 0.08 -12.71 16.57
CA GLY A 141 -0.36 -11.33 16.47
C GLY A 141 -1.57 -11.06 15.57
N CYS A 142 -2.25 -12.08 15.07
CA CYS A 142 -3.41 -11.82 14.22
C CYS A 142 -4.57 -11.33 15.06
N PHE A 143 -5.53 -10.70 14.40
CA PHE A 143 -6.82 -10.40 15.01
C PHE A 143 -7.91 -10.99 14.12
N VAL A 144 -8.84 -11.74 14.71
CA VAL A 144 -10.00 -12.30 14.00
C VAL A 144 -11.28 -11.79 14.68
N GLY A 145 -12.04 -10.95 13.99
CA GLY A 145 -13.15 -10.24 14.60
C GLY A 145 -14.40 -11.09 14.84
N LYS A 146 -15.38 -10.45 15.48
CA LYS A 146 -16.54 -11.17 16.02
C LYS A 146 -17.27 -11.94 14.93
N ASN A 147 -17.61 -13.20 15.23
CA ASN A 147 -18.47 -14.03 14.40
C ASN A 147 -17.85 -14.37 13.06
N SER A 148 -16.56 -14.14 12.86
CA SER A 148 -15.99 -14.51 11.58
C SER A 148 -15.71 -15.99 11.55
N LYS A 149 -15.76 -16.56 10.35
CA LYS A 149 -15.60 -17.98 10.17
C LYS A 149 -14.48 -18.22 9.17
N ILE A 150 -13.55 -19.11 9.52
CA ILE A 150 -12.45 -19.46 8.65
C ILE A 150 -12.50 -20.96 8.40
N GLY A 151 -12.60 -21.35 7.12
CA GLY A 151 -12.79 -22.74 6.77
C GLY A 151 -11.53 -23.56 6.89
N ALA A 152 -11.75 -24.87 6.82
CA ALA A 152 -10.73 -25.86 7.14
C ALA A 152 -9.49 -25.73 6.25
N GLY A 153 -8.33 -25.91 6.85
CA GLY A 153 -7.08 -25.83 6.13
C GLY A 153 -6.62 -24.43 5.81
N SER A 154 -7.38 -23.41 6.14
CA SER A 154 -6.92 -22.06 5.83
C SER A 154 -5.83 -21.64 6.80
N ARG A 155 -4.97 -20.73 6.35
CA ARG A 155 -3.83 -20.28 7.13
C ARG A 155 -3.66 -18.77 6.97
N LEU A 156 -3.44 -18.11 8.11
CA LEU A 156 -3.10 -16.70 8.15
C LEU A 156 -1.68 -16.60 8.71
N TRP A 157 -0.84 -15.82 8.05
CA TRP A 157 0.50 -15.60 8.57
C TRP A 157 0.41 -14.58 9.71
N ALA A 158 1.56 -14.12 10.20
CA ALA A 158 1.53 -13.25 11.37
C ALA A 158 0.90 -11.90 11.06
N ASN A 159 0.28 -11.32 12.09
CA ASN A 159 -0.17 -9.93 12.01
C ASN A 159 -1.15 -9.72 10.84
N VAL A 160 -2.06 -10.66 10.64
CA VAL A 160 -3.17 -10.47 9.72
C VAL A 160 -4.37 -9.96 10.50
N THR A 161 -5.14 -9.06 9.90
CA THR A 161 -6.35 -8.57 10.57
C THR A 161 -7.57 -9.01 9.78
N ILE A 162 -8.46 -9.76 10.43
CA ILE A 162 -9.77 -10.10 9.90
C ILE A 162 -10.80 -9.40 10.77
N TYR A 163 -11.68 -8.62 10.15
CA TYR A 163 -12.73 -7.95 10.91
C TYR A 163 -13.86 -8.94 11.28
N HIS A 164 -14.98 -8.39 11.71
CA HIS A 164 -16.16 -9.14 12.13
C HIS A 164 -17.00 -9.58 10.93
N GLU A 165 -17.71 -10.69 11.13
CA GLU A 165 -18.72 -11.16 10.18
C GLU A 165 -18.11 -11.50 8.83
N ILE A 166 -16.84 -11.89 8.82
CA ILE A 166 -16.15 -12.26 7.60
C ILE A 166 -16.24 -13.76 7.43
N GLN A 167 -16.31 -14.21 6.18
CA GLN A 167 -16.35 -15.62 5.88
C GLN A 167 -15.24 -15.96 4.91
N ILE A 168 -14.40 -16.91 5.29
CA ILE A 168 -13.30 -17.39 4.47
C ILE A 168 -13.48 -18.89 4.26
N GLY A 169 -13.31 -19.35 3.03
CA GLY A 169 -13.47 -20.76 2.71
C GLY A 169 -12.31 -21.63 3.20
N GLN A 170 -12.17 -22.81 2.55
CA GLN A 170 -11.13 -23.78 2.87
C GLN A 170 -9.87 -23.55 2.07
N ASN A 171 -8.72 -23.87 2.69
CA ASN A 171 -7.41 -23.90 2.05
C ASN A 171 -7.00 -22.56 1.45
N CYS A 172 -7.41 -21.49 2.11
CA CYS A 172 -6.96 -20.14 1.81
C CYS A 172 -5.65 -19.84 2.53
N LEU A 173 -4.92 -18.87 1.98
CA LEU A 173 -3.64 -18.43 2.52
C LEU A 173 -3.60 -16.91 2.47
N ILE A 174 -3.33 -16.28 3.60
CA ILE A 174 -3.32 -14.83 3.67
C ILE A 174 -2.01 -14.40 4.33
N GLN A 175 -1.25 -13.56 3.65
CA GLN A 175 0.06 -13.12 4.10
C GLN A 175 -0.07 -11.92 5.06
N SER A 176 1.02 -11.63 5.76
CA SER A 176 1.02 -10.67 6.86
C SER A 176 0.67 -9.27 6.42
N GLY A 177 0.11 -8.52 7.35
CA GLY A 177 -0.16 -7.12 7.14
C GLY A 177 -1.45 -6.85 6.40
N THR A 178 -2.09 -7.90 5.87
CA THR A 178 -3.32 -7.73 5.13
C THR A 178 -4.54 -7.50 6.05
N VAL A 179 -5.50 -6.74 5.55
CA VAL A 179 -6.70 -6.38 6.31
C VAL A 179 -7.93 -6.78 5.51
N VAL A 180 -8.76 -7.65 6.10
CA VAL A 180 -9.96 -8.14 5.40
C VAL A 180 -11.16 -7.68 6.20
N GLY A 181 -12.00 -6.85 5.58
CA GLY A 181 -13.25 -6.42 6.16
C GLY A 181 -13.27 -5.05 6.80
N ALA A 182 -12.30 -4.18 6.51
CA ALA A 182 -12.42 -2.80 6.96
C ALA A 182 -13.64 -2.13 6.31
N ASP A 183 -14.08 -1.03 6.94
CA ASP A 183 -15.17 -0.23 6.37
C ASP A 183 -14.86 0.10 4.92
N GLY A 184 -15.85 -0.14 4.05
CA GLY A 184 -15.84 0.54 2.76
C GLY A 184 -15.88 2.06 2.92
N PHE A 185 -15.50 2.75 1.86
CA PHE A 185 -15.34 4.20 1.87
C PHE A 185 -16.68 4.86 1.51
N GLY A 186 -17.65 4.75 2.43
CA GLY A 186 -19.01 5.21 2.17
C GLY A 186 -19.46 6.36 3.04
N TYR A 187 -19.83 7.49 2.41
CA TYR A 187 -20.17 8.72 3.10
C TYR A 187 -21.26 9.41 2.33
N ALA A 188 -22.27 9.86 3.05
CA ALA A 188 -23.16 10.88 2.52
C ALA A 188 -22.54 12.25 2.78
N ASN A 189 -23.14 13.30 2.23
CA ASN A 189 -22.59 14.63 2.34
C ASN A 189 -23.69 15.60 2.73
N ASP A 190 -23.50 16.31 3.83
CA ASP A 190 -24.52 17.19 4.40
C ASP A 190 -23.92 18.59 4.39
N ARG A 191 -24.11 19.32 3.30
CA ARG A 191 -23.59 20.67 3.16
C ARG A 191 -22.08 20.70 3.35
N GLY A 192 -21.38 19.80 2.66
CA GLY A 192 -19.93 19.75 2.70
C GLY A 192 -19.34 18.90 3.82
N ASN A 193 -20.12 18.55 4.84
CA ASN A 193 -19.69 17.63 5.88
C ASN A 193 -19.97 16.18 5.50
N TRP A 194 -18.93 15.34 5.58
CA TRP A 194 -19.08 13.91 5.33
C TRP A 194 -19.85 13.25 6.47
N VAL A 195 -20.78 12.37 6.11
CA VAL A 195 -21.62 11.66 7.08
C VAL A 195 -21.38 10.17 6.90
N LYS A 196 -20.76 9.52 7.89
CA LYS A 196 -20.42 8.12 7.75
C LYS A 196 -21.65 7.29 7.41
N ILE A 197 -21.51 6.41 6.42
CA ILE A 197 -22.45 5.33 6.17
C ILE A 197 -21.86 4.07 6.79
N PRO A 198 -22.40 3.57 7.92
CA PRO A 198 -21.87 2.31 8.46
C PRO A 198 -21.89 1.22 7.38
N GLN A 199 -20.86 0.39 7.37
CA GLN A 199 -20.68 -0.59 6.31
C GLN A 199 -20.99 -1.94 6.94
N ILE A 200 -22.22 -2.42 6.77
CA ILE A 200 -22.69 -3.59 7.50
C ILE A 200 -22.81 -4.80 6.60
N GLY A 201 -22.39 -4.68 5.34
CA GLY A 201 -22.07 -5.83 4.55
C GLY A 201 -20.86 -6.57 5.13
N ARG A 202 -20.42 -7.58 4.41
CA ARG A 202 -19.35 -8.49 4.83
C ARG A 202 -18.36 -8.67 3.69
N VAL A 203 -17.32 -9.48 3.93
CA VAL A 203 -16.52 -10.06 2.85
C VAL A 203 -16.77 -11.56 2.85
N ILE A 204 -17.05 -12.11 1.67
CA ILE A 204 -17.12 -13.54 1.45
C ILE A 204 -15.93 -13.92 0.59
N ILE A 205 -15.03 -14.73 1.15
CA ILE A 205 -13.89 -15.28 0.41
C ILE A 205 -14.11 -16.78 0.15
N GLY A 206 -13.89 -17.22 -1.09
CA GLY A 206 -14.19 -18.58 -1.48
C GLY A 206 -13.17 -19.57 -0.95
N ASP A 207 -13.07 -20.70 -1.65
CA ASP A 207 -12.07 -21.71 -1.31
C ASP A 207 -10.81 -21.45 -2.12
N ARG A 208 -9.67 -21.88 -1.57
CA ARG A 208 -8.40 -21.86 -2.29
C ARG A 208 -8.00 -20.44 -2.72
N VAL A 209 -8.31 -19.43 -1.91
CA VAL A 209 -7.94 -18.06 -2.21
C VAL A 209 -6.61 -17.75 -1.55
N GLU A 210 -5.70 -17.18 -2.31
CA GLU A 210 -4.43 -16.69 -1.81
C GLU A 210 -4.42 -15.16 -1.87
N ILE A 211 -4.14 -14.53 -0.73
CA ILE A 211 -4.03 -13.09 -0.65
C ILE A 211 -2.66 -12.70 -0.13
N GLY A 212 -2.07 -11.66 -0.71
CA GLY A 212 -0.72 -11.25 -0.38
C GLY A 212 -0.63 -10.41 0.89
N ALA A 213 0.40 -9.58 0.95
CA ALA A 213 0.75 -8.81 2.14
C ALA A 213 0.39 -7.33 1.98
N CYS A 214 -0.02 -6.71 3.08
CA CYS A 214 -0.48 -5.31 3.09
C CYS A 214 -1.55 -5.06 2.00
N THR A 215 -2.43 -6.03 1.81
CA THR A 215 -3.60 -5.88 0.98
C THR A 215 -4.83 -5.59 1.84
N THR A 216 -5.74 -4.78 1.30
CA THR A 216 -6.97 -4.43 2.00
C THR A 216 -8.19 -4.81 1.15
N ILE A 217 -9.15 -5.45 1.79
CA ILE A 217 -10.40 -5.85 1.14
C ILE A 217 -11.52 -5.33 2.03
N ASP A 218 -12.30 -4.38 1.51
CA ASP A 218 -13.31 -3.74 2.34
C ASP A 218 -14.59 -4.58 2.38
N ARG A 219 -15.27 -4.50 3.53
CA ARG A 219 -16.59 -5.09 3.67
C ARG A 219 -17.61 -4.29 2.86
N GLY A 220 -18.72 -4.94 2.47
CA GLY A 220 -19.73 -4.27 1.64
C GLY A 220 -20.55 -3.27 2.45
N ALA A 221 -21.28 -2.41 1.74
CA ALA A 221 -22.09 -1.41 2.44
C ALA A 221 -23.32 -2.04 3.09
N LEU A 222 -24.01 -2.92 2.37
CA LEU A 222 -25.21 -3.58 2.86
C LEU A 222 -25.15 -5.06 2.49
N ASP A 223 -24.99 -5.33 1.19
CA ASP A 223 -24.62 -6.64 0.69
C ASP A 223 -23.09 -6.77 0.68
N ASP A 224 -22.56 -7.86 0.11
CA ASP A 224 -21.20 -8.29 0.38
C ASP A 224 -20.19 -7.99 -0.72
N THR A 225 -18.93 -7.86 -0.30
CA THR A 225 -17.77 -7.99 -1.17
C THR A 225 -17.49 -9.47 -1.37
N ILE A 226 -17.26 -9.91 -2.61
CA ILE A 226 -17.23 -11.35 -2.87
C ILE A 226 -15.95 -11.70 -3.61
N ILE A 227 -15.17 -12.61 -3.04
CA ILE A 227 -13.97 -13.12 -3.70
C ILE A 227 -14.22 -14.58 -4.08
N GLY A 228 -14.20 -14.87 -5.37
CA GLY A 228 -14.48 -16.22 -5.85
C GLY A 228 -13.42 -17.24 -5.48
N ASN A 229 -13.75 -18.51 -5.74
CA ASN A 229 -12.80 -19.58 -5.50
C ASN A 229 -11.58 -19.44 -6.40
N GLY A 230 -10.45 -19.89 -5.88
CA GLY A 230 -9.21 -19.95 -6.63
C GLY A 230 -8.59 -18.61 -6.98
N VAL A 231 -9.13 -17.51 -6.45
CA VAL A 231 -8.60 -16.18 -6.79
C VAL A 231 -7.24 -16.00 -6.13
N ILE A 232 -6.31 -15.34 -6.81
CA ILE A 232 -5.05 -14.96 -6.17
C ILE A 232 -4.88 -13.45 -6.26
N ILE A 233 -4.54 -12.85 -5.12
CA ILE A 233 -4.37 -11.40 -4.99
C ILE A 233 -3.01 -11.17 -4.36
N ASP A 234 -2.21 -10.32 -5.00
CA ASP A 234 -0.82 -10.01 -4.68
C ASP A 234 -0.77 -8.98 -3.55
N ASN A 235 0.37 -8.31 -3.33
CA ASN A 235 0.55 -7.34 -2.24
C ASN A 235 0.05 -5.95 -2.62
N GLN A 236 -0.20 -5.13 -1.58
CA GLN A 236 -0.54 -3.69 -1.73
C GLN A 236 -1.81 -3.47 -2.58
N CYS A 237 -2.75 -4.42 -2.59
CA CYS A 237 -3.95 -4.24 -3.40
C CYS A 237 -5.04 -3.62 -2.56
N GLN A 238 -5.89 -2.82 -3.20
CA GLN A 238 -7.11 -2.32 -2.57
C GLN A 238 -8.32 -2.89 -3.31
N ILE A 239 -9.21 -3.52 -2.56
CA ILE A 239 -10.45 -4.06 -3.11
C ILE A 239 -11.57 -3.38 -2.34
N ALA A 240 -12.29 -2.48 -3.01
CA ALA A 240 -13.25 -1.62 -2.36
C ALA A 240 -14.54 -2.38 -2.01
N HIS A 241 -15.42 -1.70 -1.28
CA HIS A 241 -16.66 -2.35 -0.88
C HIS A 241 -17.51 -2.75 -2.09
N ASN A 242 -18.13 -3.93 -1.98
CA ASN A 242 -19.06 -4.51 -2.93
C ASN A 242 -18.41 -4.87 -4.25
N VAL A 243 -17.09 -4.96 -4.28
CA VAL A 243 -16.45 -5.55 -5.46
C VAL A 243 -16.76 -7.04 -5.50
N VAL A 244 -16.88 -7.60 -6.70
CA VAL A 244 -17.07 -9.04 -6.89
C VAL A 244 -16.01 -9.54 -7.86
N ILE A 245 -15.23 -10.54 -7.45
CA ILE A 245 -14.18 -11.12 -8.30
C ILE A 245 -14.53 -12.58 -8.59
N GLY A 246 -14.65 -12.92 -9.88
CA GLY A 246 -15.00 -14.28 -10.26
C GLY A 246 -13.85 -15.27 -10.07
N ASP A 247 -14.22 -16.57 -10.10
CA ASP A 247 -13.30 -17.66 -9.79
C ASP A 247 -12.04 -17.61 -10.66
N ASN A 248 -10.89 -17.94 -10.05
CA ASN A 248 -9.59 -18.11 -10.69
C ASN A 248 -8.98 -16.83 -11.25
N THR A 249 -9.58 -15.68 -11.04
CA THR A 249 -8.94 -14.43 -11.43
C THR A 249 -7.68 -14.17 -10.61
N ALA A 250 -6.65 -13.59 -11.26
CA ALA A 250 -5.41 -13.23 -10.58
C ALA A 250 -5.21 -11.71 -10.66
N VAL A 251 -4.89 -11.11 -9.51
CA VAL A 251 -4.74 -9.66 -9.40
C VAL A 251 -3.31 -9.41 -8.91
N ALA A 252 -2.53 -8.70 -9.71
CA ALA A 252 -1.12 -8.48 -9.35
C ALA A 252 -0.97 -7.31 -8.37
N GLY A 253 0.28 -7.01 -8.00
CA GLY A 253 0.52 -6.13 -6.85
C GLY A 253 0.15 -4.68 -7.11
N GLY A 254 -0.26 -4.00 -6.03
CA GLY A 254 -0.58 -2.58 -6.10
C GLY A 254 -1.75 -2.21 -6.98
N VAL A 255 -2.69 -3.13 -7.23
CA VAL A 255 -3.87 -2.80 -8.01
C VAL A 255 -4.89 -2.12 -7.10
N ILE A 256 -5.53 -1.08 -7.62
CA ILE A 256 -6.49 -0.29 -6.84
C ILE A 256 -7.83 -0.39 -7.55
N MET A 257 -8.83 -0.94 -6.87
CA MET A 257 -10.19 -1.13 -7.43
C MET A 257 -11.22 -0.33 -6.67
N ALA A 258 -12.09 0.34 -7.41
CA ALA A 258 -13.12 1.15 -6.82
C ALA A 258 -14.38 0.31 -6.55
N GLY A 259 -15.35 0.92 -5.90
CA GLY A 259 -16.49 0.18 -5.36
C GLY A 259 -17.42 -0.34 -6.46
N SER A 260 -18.00 -1.49 -6.18
CA SER A 260 -19.03 -2.08 -7.03
C SER A 260 -18.51 -2.49 -8.39
N LEU A 261 -17.22 -2.71 -8.50
CA LEU A 261 -16.66 -3.32 -9.70
C LEU A 261 -17.00 -4.81 -9.72
N LYS A 262 -17.31 -5.35 -10.89
CA LYS A 262 -17.41 -6.81 -11.01
C LYS A 262 -16.38 -7.27 -12.03
N ILE A 263 -15.52 -8.20 -11.63
CA ILE A 263 -14.55 -8.83 -12.52
C ILE A 263 -15.00 -10.26 -12.74
N GLY A 264 -14.91 -10.73 -13.99
CA GLY A 264 -15.29 -12.08 -14.35
C GLY A 264 -14.29 -13.12 -13.87
N ARG A 265 -14.42 -14.33 -14.42
CA ARG A 265 -13.54 -15.46 -14.14
C ARG A 265 -12.33 -15.43 -15.06
N TYR A 266 -11.23 -16.03 -14.60
CA TYR A 266 -10.02 -16.21 -15.42
C TYR A 266 -9.48 -14.90 -15.99
N CYS A 267 -9.63 -13.79 -15.27
CA CYS A 267 -8.99 -12.55 -15.69
C CYS A 267 -7.58 -12.46 -15.10
N MET A 268 -6.75 -11.59 -15.68
CA MET A 268 -5.42 -11.30 -15.16
C MET A 268 -5.27 -9.79 -15.11
N ILE A 269 -5.12 -9.22 -13.91
CA ILE A 269 -5.00 -7.78 -13.74
C ILE A 269 -3.54 -7.46 -13.45
N GLY A 270 -2.86 -6.77 -14.39
CA GLY A 270 -1.46 -6.48 -14.23
C GLY A 270 -1.20 -5.52 -13.09
N GLY A 271 0.00 -5.61 -12.51
CA GLY A 271 0.36 -4.72 -11.41
C GLY A 271 0.11 -3.23 -11.63
N ALA A 272 -0.29 -2.52 -10.55
CA ALA A 272 -0.47 -1.05 -10.49
C ALA A 272 -1.61 -0.55 -11.38
N SER A 273 -2.45 -1.45 -11.89
CA SER A 273 -3.64 -1.04 -12.59
C SER A 273 -4.61 -0.32 -11.66
N VAL A 274 -5.49 0.44 -12.28
CA VAL A 274 -6.50 1.23 -11.57
C VAL A 274 -7.81 0.95 -12.26
N ILE A 275 -8.73 0.34 -11.56
CA ILE A 275 -9.99 -0.10 -12.15
C ILE A 275 -11.13 0.68 -11.53
N ASN A 276 -11.87 1.41 -12.35
CA ASN A 276 -12.96 2.16 -11.79
C ASN A 276 -14.15 1.23 -11.51
N GLY A 277 -15.12 1.74 -10.74
CA GLY A 277 -16.19 0.94 -10.18
C GLY A 277 -17.51 1.11 -10.90
N HIS A 278 -18.55 0.51 -10.33
CA HIS A 278 -19.87 0.45 -10.97
C HIS A 278 -19.74 0.08 -12.43
N MET A 279 -19.01 -1.00 -12.70
CA MET A 279 -18.87 -1.46 -14.07
C MET A 279 -18.42 -2.90 -14.02
N GLU A 280 -18.37 -3.54 -15.18
CA GLU A 280 -18.09 -4.95 -15.24
C GLU A 280 -17.00 -5.25 -16.24
N ILE A 281 -16.14 -6.20 -15.89
CA ILE A 281 -15.14 -6.76 -16.78
C ILE A 281 -15.50 -8.22 -16.98
N CYS A 282 -15.62 -8.64 -18.25
CA CYS A 282 -16.12 -9.98 -18.56
C CYS A 282 -15.04 -11.03 -18.31
N ASP A 283 -15.39 -12.30 -18.49
CA ASP A 283 -14.38 -13.37 -18.30
C ASP A 283 -13.24 -13.23 -19.29
N LYS A 284 -12.08 -13.75 -18.87
CA LYS A 284 -10.95 -13.94 -19.76
C LYS A 284 -10.41 -12.61 -20.29
N VAL A 285 -10.33 -11.62 -19.42
CA VAL A 285 -9.70 -10.34 -19.73
C VAL A 285 -8.35 -10.25 -19.02
N THR A 286 -7.35 -9.82 -19.77
CA THR A 286 -6.04 -9.48 -19.26
C THR A 286 -5.85 -7.96 -19.37
N VAL A 287 -5.55 -7.30 -18.26
CA VAL A 287 -5.17 -5.89 -18.28
C VAL A 287 -3.67 -5.79 -18.00
N THR A 288 -2.91 -5.17 -18.89
CA THR A 288 -1.47 -5.07 -18.64
C THR A 288 -1.18 -3.98 -17.59
N GLY A 289 0.06 -3.98 -17.09
CA GLY A 289 0.46 -3.14 -15.96
C GLY A 289 0.10 -1.68 -16.07
N MET A 290 -0.29 -1.08 -14.94
CA MET A 290 -0.64 0.33 -14.91
C MET A 290 -1.86 0.68 -15.75
N GLY A 291 -2.70 -0.31 -16.04
CA GLY A 291 -3.85 -0.07 -16.91
C GLY A 291 -4.83 0.86 -16.25
N MET A 292 -5.25 1.88 -16.97
CA MET A 292 -6.25 2.84 -16.48
C MET A 292 -7.61 2.39 -17.02
N VAL A 293 -8.35 1.64 -16.23
CA VAL A 293 -9.59 1.02 -16.70
C VAL A 293 -10.73 1.95 -16.34
N MET A 294 -11.23 2.68 -17.34
CA MET A 294 -12.29 3.65 -17.13
C MET A 294 -13.66 3.13 -17.54
N ARG A 295 -13.74 2.21 -18.49
CA ARG A 295 -15.00 1.78 -19.08
C ARG A 295 -15.17 0.27 -18.89
N PRO A 296 -16.42 -0.25 -18.95
CA PRO A 296 -16.63 -1.69 -18.91
C PRO A 296 -15.85 -2.41 -20.00
N ILE A 297 -15.48 -3.64 -19.72
CA ILE A 297 -14.82 -4.47 -20.71
C ILE A 297 -15.76 -5.63 -21.01
N THR A 298 -16.19 -5.74 -22.27
CA THR A 298 -17.22 -6.69 -22.65
C THR A 298 -16.71 -7.79 -23.58
N GLU A 299 -15.47 -7.70 -24.06
CA GLU A 299 -14.91 -8.75 -24.90
C GLU A 299 -13.63 -9.30 -24.27
N PRO A 300 -13.44 -10.62 -24.27
CA PRO A 300 -12.16 -11.19 -23.77
C PRO A 300 -10.99 -10.67 -24.60
N GLY A 301 -9.80 -10.73 -24.02
CA GLY A 301 -8.59 -10.29 -24.72
C GLY A 301 -7.67 -9.48 -23.83
N VAL A 302 -6.60 -8.95 -24.43
CA VAL A 302 -5.61 -8.15 -23.73
C VAL A 302 -5.88 -6.67 -23.95
N TYR A 303 -5.88 -5.90 -22.87
CA TYR A 303 -6.10 -4.46 -22.92
C TYR A 303 -4.95 -3.73 -22.21
N SER A 304 -4.57 -2.57 -22.73
CA SER A 304 -3.41 -1.84 -22.22
C SER A 304 -3.62 -0.33 -22.28
N SER A 305 -2.84 0.40 -21.47
CA SER A 305 -2.82 1.85 -21.57
C SER A 305 -1.46 2.35 -21.09
N GLY A 306 -1.23 3.64 -21.29
CA GLY A 306 -0.03 4.26 -20.74
C GLY A 306 0.98 4.60 -21.83
N ILE A 307 1.60 5.77 -21.71
CA ILE A 307 2.67 6.18 -22.62
C ILE A 307 3.99 5.88 -21.91
N PRO A 308 4.81 4.96 -22.40
CA PRO A 308 5.94 4.47 -21.62
C PRO A 308 7.12 5.44 -21.56
N LEU A 309 8.13 5.01 -20.80
CA LEU A 309 9.29 5.81 -20.44
C LEU A 309 10.09 6.25 -21.66
N GLN A 310 10.62 7.46 -21.60
CA GLN A 310 11.59 7.96 -22.57
C GLN A 310 12.68 8.71 -21.82
N PRO A 311 13.84 8.94 -22.44
CA PRO A 311 14.83 9.88 -21.88
C PRO A 311 14.15 11.19 -21.55
N ASN A 312 14.55 11.80 -20.42
CA ASN A 312 13.80 12.95 -19.91
C ASN A 312 13.73 14.08 -20.95
N LYS A 313 14.80 14.29 -21.71
CA LYS A 313 14.76 15.38 -22.67
C LYS A 313 13.68 15.14 -23.71
N VAL A 314 13.53 13.88 -24.13
CA VAL A 314 12.53 13.46 -25.10
C VAL A 314 11.15 13.54 -24.48
N TRP A 315 11.01 13.04 -23.25
CA TRP A 315 9.71 13.08 -22.57
C TRP A 315 9.17 14.50 -22.49
N ARG A 316 10.03 15.49 -22.19
CA ARG A 316 9.54 16.86 -22.07
C ARG A 316 8.85 17.30 -23.35
N LYS A 317 9.42 16.92 -24.51
CA LYS A 317 8.80 17.33 -25.77
C LYS A 317 7.52 16.50 -26.04
N THR A 318 7.57 15.19 -25.79
CA THR A 318 6.40 14.34 -25.94
C THR A 318 5.21 14.87 -25.13
N ALA A 319 5.45 15.20 -23.86
CA ALA A 319 4.32 15.55 -22.99
C ALA A 319 3.76 16.92 -23.35
N ALA A 320 4.63 17.86 -23.73
CA ALA A 320 4.17 19.18 -24.14
C ALA A 320 3.34 19.12 -25.43
N LEU A 321 3.84 18.40 -26.43
CA LEU A 321 3.05 18.19 -27.65
C LEU A 321 1.72 17.48 -27.38
N VAL A 322 1.74 16.41 -26.58
CA VAL A 322 0.47 15.74 -26.27
C VAL A 322 -0.48 16.70 -25.58
N MET A 323 0.03 17.49 -24.63
CA MET A 323 -0.86 18.38 -23.91
C MET A 323 -1.47 19.42 -24.82
N ASN A 324 -0.79 19.73 -25.92
CA ASN A 324 -1.28 20.70 -26.90
C ASN A 324 -1.83 20.00 -28.14
N ILE A 325 -2.25 18.73 -28.01
CA ILE A 325 -2.64 17.97 -29.20
C ILE A 325 -3.91 18.54 -29.86
N ASP A 326 -4.79 19.18 -29.08
CA ASP A 326 -5.97 19.81 -29.67
C ASP A 326 -5.56 20.89 -30.67
N ASP A 327 -4.58 21.74 -30.30
CA ASP A 327 -4.06 22.70 -31.27
C ASP A 327 -3.54 21.99 -32.52
N MET A 328 -2.80 20.89 -32.35
CA MET A 328 -2.32 20.12 -33.50
C MET A 328 -3.47 19.66 -34.39
N SER A 329 -4.51 19.08 -33.77
CA SER A 329 -5.70 18.65 -34.48
C SER A 329 -6.38 19.81 -35.24
N LYS A 330 -6.48 20.99 -34.61
CA LYS A 330 -7.09 22.11 -35.32
C LYS A 330 -6.23 22.53 -36.51
N ARG A 331 -4.90 22.52 -36.34
CA ARG A 331 -4.03 22.94 -37.44
C ARG A 331 -4.07 21.93 -38.58
N LEU A 332 -4.16 20.64 -38.25
CA LEU A 332 -4.40 19.64 -39.29
C LEU A 332 -5.72 19.89 -40.02
N LYS A 333 -6.79 20.18 -39.28
CA LYS A 333 -8.08 20.45 -39.93
C LYS A 333 -8.01 21.71 -40.78
N SER A 334 -7.38 22.77 -40.27
CA SER A 334 -7.22 23.97 -41.09
C SER A 334 -6.49 23.65 -42.39
N LEU A 335 -5.43 22.85 -42.30
CA LEU A 335 -4.61 22.55 -43.46
C LEU A 335 -5.38 21.73 -44.49
N GLU A 336 -6.13 20.72 -44.04
CA GLU A 336 -7.00 19.97 -44.95
C GLU A 336 -7.94 20.92 -45.69
N ARG A 337 -8.58 21.83 -44.95
CA ARG A 337 -9.51 22.78 -45.55
C ARG A 337 -8.82 23.60 -46.64
N LYS A 338 -7.63 24.16 -46.32
CA LYS A 338 -6.90 24.97 -47.28
C LYS A 338 -6.48 24.16 -48.50
N VAL A 339 -5.97 22.94 -48.29
CA VAL A 339 -5.57 22.09 -49.39
C VAL A 339 -6.77 21.58 -50.19
N GLY B 4 -31.04 -2.20 19.83
CA GLY B 4 -31.00 -1.81 18.42
C GLY B 4 -32.41 -1.70 17.83
N SER B 5 -33.32 -2.60 18.22
CA SER B 5 -34.66 -2.58 17.62
C SER B 5 -35.44 -1.33 18.03
N ILE B 6 -36.18 -0.79 17.08
CA ILE B 6 -36.84 0.50 17.31
C ILE B 6 -38.20 0.50 16.60
N ARG B 7 -39.20 1.10 17.25
CA ARG B 7 -40.49 1.26 16.62
C ARG B 7 -40.39 2.19 15.40
N LEU B 8 -41.09 1.83 14.32
CA LEU B 8 -41.00 2.63 13.10
C LEU B 8 -41.33 4.11 13.37
N ALA B 9 -42.33 4.36 14.24
CA ALA B 9 -42.68 5.75 14.57
C ALA B 9 -41.53 6.46 15.28
N ASP B 10 -40.82 5.77 16.17
CA ASP B 10 -39.66 6.37 16.82
C ASP B 10 -38.56 6.70 15.80
N LEU B 11 -38.29 5.74 14.91
CA LEU B 11 -37.27 5.93 13.89
C LEU B 11 -37.60 7.10 12.98
N ALA B 12 -38.89 7.22 12.57
CA ALA B 12 -39.26 8.34 11.70
C ALA B 12 -39.04 9.67 12.41
N GLN B 13 -39.35 9.71 13.70
CA GLN B 13 -39.14 10.96 14.43
C GLN B 13 -37.66 11.30 14.50
N GLN B 14 -36.80 10.31 14.75
CA GLN B 14 -35.37 10.59 14.83
C GLN B 14 -34.80 10.98 13.49
N LEU B 15 -35.41 10.54 12.39
CA LEU B 15 -35.00 10.91 11.04
C LEU B 15 -35.70 12.17 10.54
N ASP B 16 -36.62 12.71 11.32
CA ASP B 16 -37.45 13.81 10.83
C ASP B 16 -38.14 13.43 9.52
N ALA B 17 -38.66 12.20 9.45
CA ALA B 17 -39.36 11.71 8.26
C ALA B 17 -40.86 11.71 8.49
N GLU B 18 -41.62 11.81 7.40
CA GLU B 18 -43.06 11.63 7.45
C GLU B 18 -43.42 10.15 7.38
N LEU B 19 -44.05 9.64 8.43
CA LEU B 19 -44.45 8.24 8.46
C LEU B 19 -45.80 8.06 7.77
N HIS B 20 -45.85 7.12 6.84
CA HIS B 20 -47.10 6.63 6.25
C HIS B 20 -47.12 5.14 6.47
N GLY B 21 -48.01 4.68 7.34
CA GLY B 21 -48.12 3.29 7.72
C GLY B 21 -48.09 3.15 9.21
N ASP B 22 -47.89 1.91 9.64
CA ASP B 22 -48.06 1.48 11.01
C ASP B 22 -46.80 1.76 11.84
N GLY B 23 -46.83 2.83 12.65
CA GLY B 23 -45.70 3.19 13.48
C GLY B 23 -45.32 2.15 14.54
N ASP B 24 -46.14 1.14 14.77
CA ASP B 24 -45.81 0.08 15.73
C ASP B 24 -44.94 -1.02 15.12
N ILE B 25 -44.74 -1.02 13.80
CA ILE B 25 -43.78 -1.92 13.17
C ILE B 25 -42.43 -1.82 13.88
N VAL B 26 -41.82 -2.97 14.16
CA VAL B 26 -40.51 -3.00 14.82
C VAL B 26 -39.45 -3.19 13.74
N ILE B 27 -38.53 -2.25 13.66
CA ILE B 27 -37.42 -2.30 12.70
C ILE B 27 -36.19 -2.82 13.44
N THR B 28 -35.53 -3.81 12.87
CA THR B 28 -34.40 -4.44 13.53
C THR B 28 -33.06 -4.18 12.84
N GLY B 29 -33.07 -3.62 11.64
CA GLY B 29 -31.84 -3.40 10.88
C GLY B 29 -32.14 -2.81 9.52
N VAL B 30 -31.07 -2.37 8.87
CA VAL B 30 -31.10 -1.82 7.50
C VAL B 30 -30.63 -2.92 6.56
N ALA B 31 -31.20 -2.93 5.36
CA ALA B 31 -30.85 -3.91 4.34
C ALA B 31 -31.01 -3.25 2.97
N SER B 32 -30.31 -3.81 1.98
CA SER B 32 -30.57 -3.37 0.62
C SER B 32 -32.00 -3.72 0.20
N MET B 33 -32.44 -3.11 -0.90
CA MET B 33 -33.79 -3.37 -1.38
C MET B 33 -33.96 -4.84 -1.78
N GLN B 34 -32.95 -5.41 -2.46
CA GLN B 34 -33.02 -6.81 -2.90
C GLN B 34 -33.04 -7.75 -1.70
N SER B 35 -32.24 -7.47 -0.67
CA SER B 35 -32.09 -8.40 0.44
C SER B 35 -33.12 -8.20 1.56
N ALA B 36 -33.86 -7.09 1.59
CA ALA B 36 -34.60 -6.76 2.80
C ALA B 36 -35.73 -7.75 3.05
N GLN B 37 -35.91 -8.10 4.33
CA GLN B 37 -36.93 -9.04 4.78
C GLN B 37 -37.72 -8.39 5.93
N THR B 38 -38.72 -9.10 6.43
CA THR B 38 -39.50 -8.57 7.54
C THR B 38 -38.59 -8.05 8.64
N GLY B 39 -38.94 -6.91 9.22
CA GLY B 39 -38.11 -6.30 10.22
C GLY B 39 -37.07 -5.33 9.70
N HIS B 40 -36.81 -5.33 8.39
CA HIS B 40 -35.80 -4.47 7.80
C HIS B 40 -36.41 -3.18 7.29
N ILE B 41 -35.65 -2.07 7.42
CA ILE B 41 -35.94 -0.87 6.64
C ILE B 41 -34.95 -0.79 5.48
N THR B 42 -35.41 -0.28 4.34
CA THR B 42 -34.51 -0.04 3.21
C THR B 42 -34.85 1.34 2.68
N PHE B 43 -34.31 1.70 1.52
CA PHE B 43 -34.52 3.03 0.97
C PHE B 43 -34.49 2.92 -0.54
N MET B 44 -35.13 3.89 -1.20
CA MET B 44 -35.11 3.96 -2.66
C MET B 44 -34.54 5.32 -3.05
N VAL B 45 -33.47 5.30 -3.82
CA VAL B 45 -32.95 6.54 -4.37
C VAL B 45 -33.28 6.71 -5.86
N ASN B 46 -33.68 5.64 -6.54
CA ASN B 46 -33.85 5.61 -7.99
C ASN B 46 -35.31 5.30 -8.28
N PRO B 47 -36.11 6.29 -8.70
CA PRO B 47 -37.54 6.03 -8.91
C PRO B 47 -37.79 5.03 -10.02
N LYS B 48 -36.74 4.62 -10.73
CA LYS B 48 -36.89 3.50 -11.64
C LYS B 48 -37.43 2.27 -10.93
N TYR B 49 -37.19 2.14 -9.63
CA TYR B 49 -37.60 0.95 -8.88
C TYR B 49 -39.04 1.03 -8.37
N ARG B 50 -39.77 2.09 -8.71
CA ARG B 50 -41.15 2.23 -8.24
C ARG B 50 -41.98 0.99 -8.59
N GLU B 51 -41.91 0.54 -9.84
CA GLU B 51 -42.66 -0.64 -10.28
C GLU B 51 -42.16 -1.96 -9.66
N HIS B 52 -40.96 -1.98 -9.07
CA HIS B 52 -40.34 -3.14 -8.44
C HIS B 52 -40.55 -3.23 -6.92
N LEU B 53 -41.16 -2.21 -6.30
CA LEU B 53 -41.31 -2.18 -4.85
C LEU B 53 -42.19 -3.30 -4.32
N GLY B 54 -43.20 -3.72 -5.09
CA GLY B 54 -43.96 -4.91 -4.69
C GLY B 54 -43.10 -6.16 -4.51
N LEU B 55 -41.89 -6.17 -5.08
CA LEU B 55 -40.94 -7.28 -4.95
C LEU B 55 -40.00 -7.12 -3.76
N CYS B 56 -39.93 -5.94 -3.16
CA CYS B 56 -39.13 -5.71 -1.98
C CYS B 56 -39.94 -6.08 -0.75
N GLN B 57 -39.36 -6.90 0.11
CA GLN B 57 -40.08 -7.37 1.29
C GLN B 57 -39.64 -6.69 2.60
N ALA B 58 -39.03 -5.50 2.50
CA ALA B 58 -38.77 -4.69 3.68
C ALA B 58 -40.06 -4.34 4.43
N SER B 59 -39.94 -4.16 5.76
CA SER B 59 -41.10 -3.68 6.51
C SER B 59 -41.37 -2.21 6.25
N ALA B 60 -40.38 -1.45 5.80
CA ALA B 60 -40.54 -0.01 5.57
C ALA B 60 -39.53 0.43 4.52
N VAL B 61 -39.86 1.48 3.77
CA VAL B 61 -38.95 1.99 2.73
C VAL B 61 -38.90 3.51 2.85
N VAL B 62 -37.68 4.05 2.90
CA VAL B 62 -37.44 5.49 2.85
C VAL B 62 -37.53 5.93 1.40
N MET B 63 -38.31 6.99 1.12
CA MET B 63 -38.53 7.43 -0.25
C MET B 63 -38.97 8.90 -0.24
N THR B 64 -39.12 9.46 -1.43
CA THR B 64 -39.60 10.83 -1.53
C THR B 64 -41.12 10.92 -1.60
N GLN B 65 -41.61 12.15 -1.53
CA GLN B 65 -43.03 12.38 -1.67
C GLN B 65 -43.51 11.98 -3.06
N ASP B 66 -42.68 12.20 -4.09
CA ASP B 66 -43.10 11.81 -5.43
C ASP B 66 -43.24 10.29 -5.52
N ASP B 67 -42.42 9.55 -4.74
CA ASP B 67 -42.46 8.10 -4.70
C ASP B 67 -43.68 7.55 -3.98
N LEU B 68 -44.24 8.30 -3.01
CA LEU B 68 -45.22 7.73 -2.10
C LEU B 68 -46.35 6.95 -2.77
N PRO B 69 -46.94 7.41 -3.87
CA PRO B 69 -48.10 6.69 -4.44
C PRO B 69 -47.74 5.30 -4.92
N PHE B 70 -46.44 5.04 -5.14
CA PHE B 70 -45.89 3.77 -5.61
C PHE B 70 -45.52 2.80 -4.49
N ALA B 71 -45.68 3.20 -3.23
CA ALA B 71 -45.26 2.34 -2.14
C ALA B 71 -46.10 1.07 -2.10
N LYS B 72 -45.47 -0.02 -1.68
CA LYS B 72 -46.17 -1.24 -1.30
C LYS B 72 -45.71 -1.69 0.08
N SER B 73 -45.66 -0.74 1.02
CA SER B 73 -45.21 -0.94 2.39
C SER B 73 -45.38 0.39 3.12
N ALA B 74 -45.31 0.34 4.46
CA ALA B 74 -45.06 1.57 5.23
C ALA B 74 -43.92 2.36 4.60
N ALA B 75 -44.08 3.68 4.51
CA ALA B 75 -43.10 4.53 3.85
C ALA B 75 -42.69 5.65 4.79
N LEU B 76 -41.39 5.98 4.81
CA LEU B 76 -40.89 7.20 5.45
C LEU B 76 -40.54 8.15 4.32
N VAL B 77 -41.30 9.24 4.24
CA VAL B 77 -41.12 10.25 3.19
C VAL B 77 -40.17 11.33 3.72
N VAL B 78 -39.12 11.61 2.94
CA VAL B 78 -38.07 12.55 3.31
C VAL B 78 -37.67 13.32 2.06
N LYS B 79 -36.95 14.43 2.27
CA LYS B 79 -36.40 15.19 1.15
C LYS B 79 -35.18 14.50 0.54
N ASN B 80 -34.38 13.80 1.35
CA ASN B 80 -33.10 13.29 0.92
C ASN B 80 -33.04 11.84 1.40
N PRO B 81 -33.52 10.87 0.58
CA PRO B 81 -33.42 9.47 1.02
C PRO B 81 -31.99 9.00 1.30
N TYR B 82 -30.99 9.43 0.52
CA TYR B 82 -29.62 8.96 0.72
C TYR B 82 -29.05 9.42 2.07
N LEU B 83 -29.25 10.69 2.44
CA LEU B 83 -28.78 11.16 3.74
C LEU B 83 -29.57 10.50 4.85
N THR B 84 -30.86 10.29 4.64
CA THR B 84 -31.66 9.58 5.63
C THR B 84 -31.19 8.15 5.80
N TYR B 85 -30.79 7.50 4.69
CA TYR B 85 -30.19 6.16 4.78
C TYR B 85 -28.95 6.18 5.67
N ALA B 86 -28.00 7.09 5.42
CA ALA B 86 -26.83 7.24 6.31
C ALA B 86 -27.24 7.34 7.78
N ARG B 87 -28.15 8.26 8.09
CA ARG B 87 -28.55 8.45 9.48
CA ARG B 87 -28.57 8.45 9.47
C ARG B 87 -29.19 7.19 10.05
N MET B 88 -30.05 6.53 9.29
CA MET B 88 -30.74 5.40 9.90
C MET B 88 -29.78 4.23 10.05
N ALA B 89 -28.79 4.12 9.16
CA ALA B 89 -27.84 3.05 9.32
C ALA B 89 -26.93 3.30 10.52
N GLN B 90 -26.69 4.58 10.86
CA GLN B 90 -25.98 4.87 12.11
C GLN B 90 -26.82 4.49 13.32
N ILE B 91 -28.12 4.81 13.29
CA ILE B 91 -29.00 4.46 14.40
C ILE B 91 -29.08 2.95 14.60
N LEU B 92 -29.13 2.19 13.51
CA LEU B 92 -29.21 0.73 13.53
C LEU B 92 -27.86 0.05 13.28
N ASP B 93 -26.75 0.75 13.50
CA ASP B 93 -25.44 0.19 13.18
C ASP B 93 -25.16 -1.10 13.96
N THR B 94 -24.86 -2.21 13.25
CA THR B 94 -24.48 -3.46 13.91
C THR B 94 -22.95 -3.60 14.08
N THR B 95 -22.16 -2.61 13.68
CA THR B 95 -20.70 -2.71 13.78
C THR B 95 -20.30 -2.79 15.25
N PRO B 96 -19.57 -3.82 15.65
CA PRO B 96 -19.15 -3.90 17.06
C PRO B 96 -18.07 -2.86 17.36
N GLN B 97 -17.80 -2.68 18.66
CA GLN B 97 -16.68 -1.80 19.04
C GLN B 97 -15.34 -2.55 18.93
N PRO B 98 -14.25 -1.82 18.68
CA PRO B 98 -12.95 -2.49 18.57
C PRO B 98 -12.53 -3.16 19.87
N ALA B 99 -12.98 -2.64 21.00
CA ALA B 99 -12.74 -3.35 22.26
C ALA B 99 -13.76 -2.88 23.30
N GLN B 100 -13.83 -3.63 24.40
CA GLN B 100 -14.67 -3.27 25.53
C GLN B 100 -13.90 -3.49 26.82
N ASN B 101 -13.93 -2.49 27.71
CA ASN B 101 -13.16 -2.53 28.94
C ASN B 101 -11.67 -2.61 28.65
N ILE B 102 -10.88 -3.02 29.66
CA ILE B 102 -9.43 -2.94 29.58
C ILE B 102 -8.88 -4.36 29.65
N ALA B 103 -8.31 -4.80 28.54
CA ALA B 103 -7.90 -6.18 28.43
C ALA B 103 -6.73 -6.43 29.39
N PRO B 104 -6.75 -7.54 30.13
CA PRO B 104 -5.59 -7.87 30.98
C PRO B 104 -4.28 -8.11 30.21
N SER B 105 -4.36 -8.61 28.96
CA SER B 105 -3.16 -8.80 28.13
C SER B 105 -2.62 -7.50 27.56
N ALA B 106 -3.37 -6.40 27.65
CA ALA B 106 -2.82 -5.12 27.22
C ALA B 106 -1.63 -4.76 28.10
N VAL B 107 -0.71 -3.97 27.55
CA VAL B 107 0.48 -3.52 28.26
C VAL B 107 0.46 -2.00 28.22
N ILE B 108 0.19 -1.38 29.37
CA ILE B 108 -0.13 0.03 29.46
C ILE B 108 0.86 0.65 30.44
N ASP B 109 1.67 1.59 29.95
CA ASP B 109 2.64 2.22 30.84
C ASP B 109 1.93 2.87 32.03
N ALA B 110 2.59 2.83 33.20
CA ALA B 110 1.95 3.38 34.39
C ALA B 110 1.72 4.88 34.30
N THR B 111 2.44 5.58 33.42
CA THR B 111 2.26 7.02 33.27
C THR B 111 1.17 7.40 32.27
N ALA B 112 0.53 6.45 31.60
CA ALA B 112 -0.56 6.80 30.68
C ALA B 112 -1.76 7.31 31.46
N LYS B 113 -2.49 8.27 30.88
CA LYS B 113 -3.65 8.87 31.50
C LYS B 113 -4.87 8.48 30.67
N LEU B 114 -5.83 7.80 31.31
CA LEU B 114 -7.07 7.42 30.66
C LEU B 114 -8.22 8.27 31.20
N GLY B 115 -9.10 8.71 30.30
CA GLY B 115 -10.35 9.32 30.69
C GLY B 115 -11.37 8.28 31.10
N ASN B 116 -12.64 8.69 31.12
CA ASN B 116 -13.70 7.79 31.52
C ASN B 116 -14.13 6.93 30.34
N ASN B 117 -14.48 5.68 30.64
CA ASN B 117 -15.09 4.78 29.67
C ASN B 117 -14.15 4.44 28.51
N VAL B 118 -12.84 4.52 28.74
CA VAL B 118 -11.87 4.06 27.77
C VAL B 118 -11.87 2.54 27.72
N SER B 119 -11.73 1.99 26.50
CA SER B 119 -11.54 0.57 26.26
C SER B 119 -10.24 0.31 25.52
N ILE B 120 -9.54 -0.75 25.90
CA ILE B 120 -8.26 -1.11 25.29
C ILE B 120 -8.27 -2.61 25.10
N GLY B 121 -8.10 -3.04 23.85
CA GLY B 121 -8.28 -4.44 23.53
C GLY B 121 -7.05 -5.28 23.81
N ALA B 122 -7.20 -6.58 23.58
CA ALA B 122 -6.17 -7.55 23.93
C ALA B 122 -4.84 -7.23 23.27
N ASN B 123 -3.77 -7.29 24.07
CA ASN B 123 -2.39 -7.18 23.60
C ASN B 123 -2.07 -5.82 22.98
N ALA B 124 -2.93 -4.82 23.17
CA ALA B 124 -2.58 -3.46 22.80
C ALA B 124 -1.43 -2.99 23.67
N VAL B 125 -0.62 -2.07 23.15
CA VAL B 125 0.54 -1.58 23.87
C VAL B 125 0.49 -0.05 23.91
N ILE B 126 0.51 0.51 25.11
CA ILE B 126 0.40 1.95 25.31
C ILE B 126 1.66 2.44 26.02
N GLU B 127 2.39 3.34 25.38
CA GLU B 127 3.67 3.87 25.83
C GLU B 127 3.49 4.90 26.96
N SER B 128 4.63 5.31 27.51
CA SER B 128 4.62 6.31 28.57
C SER B 128 4.07 7.63 28.05
N GLY B 129 3.45 8.40 28.96
CA GLY B 129 3.02 9.74 28.61
C GLY B 129 1.80 9.81 27.72
N VAL B 130 1.21 8.68 27.34
CA VAL B 130 0.05 8.71 26.44
C VAL B 130 -1.17 9.20 27.18
N GLU B 131 -2.04 9.95 26.48
CA GLU B 131 -3.33 10.37 27.04
C GLU B 131 -4.46 9.93 26.13
N LEU B 132 -5.42 9.22 26.70
CA LEU B 132 -6.61 8.77 26.00
C LEU B 132 -7.81 9.50 26.59
N GLY B 133 -8.55 10.23 25.76
CA GLY B 133 -9.70 10.96 26.25
C GLY B 133 -10.86 10.03 26.55
N ASP B 134 -11.95 10.64 27.07
CA ASP B 134 -13.14 9.87 27.40
C ASP B 134 -13.63 9.09 26.19
N ASN B 135 -14.11 7.87 26.43
CA ASN B 135 -14.74 7.04 25.40
C ASN B 135 -13.81 6.64 24.26
N VAL B 136 -12.49 6.84 24.42
CA VAL B 136 -11.57 6.35 23.40
C VAL B 136 -11.55 4.82 23.40
N ILE B 137 -11.39 4.23 22.22
CA ILE B 137 -11.32 2.79 22.08
C ILE B 137 -10.10 2.43 21.25
N ILE B 138 -9.25 1.58 21.80
CA ILE B 138 -8.02 1.13 21.17
C ILE B 138 -8.19 -0.35 20.90
N GLY B 139 -8.20 -0.75 19.64
CA GLY B 139 -8.48 -2.14 19.33
C GLY B 139 -7.34 -3.04 19.73
N ALA B 140 -7.57 -4.34 19.57
CA ALA B 140 -6.55 -5.34 19.86
C ALA B 140 -5.26 -5.06 19.06
N GLY B 141 -4.11 -5.35 19.68
CA GLY B 141 -2.83 -5.34 19.00
C GLY B 141 -2.30 -3.99 18.58
N CYS B 142 -2.96 -2.89 18.95
CA CYS B 142 -2.46 -1.57 18.59
C CYS B 142 -1.18 -1.21 19.34
N PHE B 143 -0.47 -0.26 18.81
CA PHE B 143 0.63 0.38 19.52
C PHE B 143 0.40 1.87 19.47
N VAL B 144 0.61 2.53 20.60
CA VAL B 144 0.46 3.97 20.70
C VAL B 144 1.71 4.49 21.40
N GLY B 145 2.51 5.27 20.67
CA GLY B 145 3.85 5.63 21.10
C GLY B 145 3.86 6.75 22.14
N LYS B 146 5.09 7.01 22.62
CA LYS B 146 5.32 7.90 23.76
C LYS B 146 4.64 9.26 23.56
N ASN B 147 3.91 9.71 24.59
CA ASN B 147 3.37 11.06 24.70
C ASN B 147 2.29 11.39 23.68
N SER B 148 1.81 10.42 22.89
CA SER B 148 0.75 10.72 21.94
C SER B 148 -0.58 10.94 22.66
N LYS B 149 -1.41 11.77 22.06
CA LYS B 149 -2.69 12.16 22.66
C LYS B 149 -3.80 11.85 21.68
N ILE B 150 -4.84 11.17 22.17
CA ILE B 150 -5.96 10.78 21.34
C ILE B 150 -7.23 11.31 21.99
N GLY B 151 -7.95 12.18 21.26
CA GLY B 151 -9.08 12.89 21.83
C GLY B 151 -10.33 12.05 22.03
N ALA B 152 -11.25 12.63 22.81
CA ALA B 152 -12.44 11.92 23.25
C ALA B 152 -13.25 11.43 22.06
N GLY B 153 -13.70 10.18 22.17
CA GLY B 153 -14.57 9.55 21.19
C GLY B 153 -13.84 8.87 20.04
N SER B 154 -12.54 9.08 19.91
CA SER B 154 -11.78 8.52 18.81
C SER B 154 -11.58 7.02 19.03
N ARG B 155 -11.46 6.29 17.92
CA ARG B 155 -11.42 4.85 17.98
C ARG B 155 -10.41 4.34 16.95
N LEU B 156 -9.62 3.36 17.39
CA LEU B 156 -8.67 2.64 16.56
C LEU B 156 -9.14 1.21 16.41
N TRP B 157 -9.22 0.71 15.18
CA TRP B 157 -9.50 -0.70 14.99
C TRP B 157 -8.24 -1.46 15.38
N ALA B 158 -8.25 -2.78 15.22
CA ALA B 158 -7.13 -3.58 15.67
C ALA B 158 -5.89 -3.31 14.82
N ASN B 159 -4.71 -3.52 15.44
CA ASN B 159 -3.45 -3.53 14.72
C ASN B 159 -3.20 -2.20 14.00
N VAL B 160 -3.49 -1.09 14.68
CA VAL B 160 -3.16 0.24 14.21
C VAL B 160 -1.88 0.68 14.95
N THR B 161 -0.97 1.36 14.25
CA THR B 161 0.26 1.86 14.87
C THR B 161 0.29 3.38 14.86
N ILE B 162 0.30 3.97 16.06
CA ILE B 162 0.54 5.39 16.27
C ILE B 162 1.93 5.56 16.90
N TYR B 163 2.79 6.37 16.27
CA TYR B 163 4.12 6.66 16.83
C TYR B 163 4.02 7.64 17.98
N HIS B 164 5.16 8.21 18.37
CA HIS B 164 5.28 9.13 19.49
C HIS B 164 4.94 10.58 19.08
N GLU B 165 4.49 11.36 20.07
CA GLU B 165 4.23 12.80 19.92
C GLU B 165 3.16 13.09 18.87
N ILE B 166 2.27 12.13 18.63
CA ILE B 166 1.14 12.32 17.72
C ILE B 166 -0.05 12.89 18.47
N GLN B 167 -0.79 13.77 17.83
CA GLN B 167 -2.02 14.32 18.39
C GLN B 167 -3.18 13.97 17.49
N ILE B 168 -4.18 13.29 18.06
CA ILE B 168 -5.39 12.92 17.34
C ILE B 168 -6.58 13.55 18.05
N GLY B 169 -7.43 14.25 17.29
CA GLY B 169 -8.60 14.92 17.86
C GLY B 169 -9.74 14.03 18.28
N GLN B 170 -10.95 14.59 18.36
CA GLN B 170 -12.12 13.88 18.85
C GLN B 170 -12.86 13.20 17.71
N ASN B 171 -13.46 12.04 18.02
CA ASN B 171 -14.39 11.34 17.12
C ASN B 171 -13.74 10.97 15.79
N CYS B 172 -12.46 10.65 15.82
CA CYS B 172 -11.81 10.07 14.66
C CYS B 172 -12.04 8.57 14.64
N LEU B 173 -11.85 7.98 13.46
CA LEU B 173 -11.94 6.54 13.27
C LEU B 173 -10.75 6.13 12.41
N ILE B 174 -9.94 5.19 12.88
CA ILE B 174 -8.78 4.74 12.11
C ILE B 174 -8.88 3.24 11.89
N GLN B 175 -8.82 2.81 10.63
CA GLN B 175 -8.93 1.40 10.33
C GLN B 175 -7.58 0.68 10.49
N SER B 176 -7.65 -0.65 10.54
CA SER B 176 -6.52 -1.51 10.85
C SER B 176 -5.37 -1.36 9.85
N GLY B 177 -4.16 -1.67 10.32
CA GLY B 177 -3.01 -1.76 9.46
C GLY B 177 -2.39 -0.42 9.13
N THR B 178 -2.98 0.66 9.63
CA THR B 178 -2.56 2.00 9.29
C THR B 178 -1.48 2.46 10.27
N VAL B 179 -0.59 3.32 9.77
CA VAL B 179 0.57 3.74 10.52
C VAL B 179 0.63 5.25 10.51
N VAL B 180 0.54 5.88 11.68
CA VAL B 180 0.56 7.34 11.79
C VAL B 180 1.82 7.77 12.53
N GLY B 181 2.64 8.58 11.88
CA GLY B 181 3.77 9.18 12.53
C GLY B 181 5.10 8.51 12.30
N ALA B 182 5.20 7.63 11.30
CA ALA B 182 6.46 7.08 10.84
C ALA B 182 7.39 8.21 10.37
N ASP B 183 8.69 7.94 10.36
CA ASP B 183 9.66 8.90 9.85
C ASP B 183 9.30 9.34 8.43
N GLY B 184 9.32 10.64 8.17
CA GLY B 184 9.36 11.08 6.79
C GLY B 184 10.62 10.61 6.08
N PHE B 185 10.60 10.64 4.74
CA PHE B 185 11.68 10.10 3.90
C PHE B 185 12.77 11.17 3.77
N GLY B 186 13.44 11.45 4.89
CA GLY B 186 14.39 12.56 4.91
C GLY B 186 15.85 12.12 5.06
N TYR B 187 16.71 12.45 4.08
CA TYR B 187 18.14 12.13 4.14
C TYR B 187 18.97 13.25 3.50
N ALA B 188 20.10 13.56 4.13
CA ALA B 188 21.14 14.29 3.44
C ALA B 188 22.00 13.26 2.72
N ASN B 189 23.02 13.74 2.00
CA ASN B 189 23.79 12.85 1.14
C ASN B 189 25.23 13.29 1.20
N ASP B 190 26.08 12.44 1.75
CA ASP B 190 27.51 12.71 1.88
C ASP B 190 28.27 11.79 0.94
N ARG B 191 28.50 12.24 -0.30
CA ARG B 191 29.29 11.50 -1.27
C ARG B 191 28.64 10.17 -1.63
N GLY B 192 27.34 10.20 -1.91
CA GLY B 192 26.59 9.00 -2.20
C GLY B 192 26.04 8.25 -0.98
N ASN B 193 26.61 8.47 0.21
CA ASN B 193 26.07 7.89 1.44
C ASN B 193 24.88 8.70 1.94
N TRP B 194 23.71 8.07 2.08
CA TRP B 194 22.55 8.71 2.68
C TRP B 194 22.78 8.92 4.17
N VAL B 195 22.50 10.13 4.66
CA VAL B 195 22.67 10.49 6.06
C VAL B 195 21.29 10.78 6.62
N LYS B 196 20.82 9.95 7.54
CA LYS B 196 19.46 10.08 8.03
C LYS B 196 19.24 11.45 8.66
N ILE B 197 18.16 12.11 8.27
CA ILE B 197 17.72 13.32 8.95
C ILE B 197 16.64 12.89 9.95
N PRO B 198 16.91 12.91 11.26
CA PRO B 198 15.86 12.61 12.23
C PRO B 198 14.62 13.45 11.92
N GLN B 199 13.46 12.83 12.10
CA GLN B 199 12.16 13.42 11.75
C GLN B 199 11.47 13.75 13.06
N ILE B 200 11.70 14.97 13.55
CA ILE B 200 11.32 15.31 14.91
C ILE B 200 10.09 16.21 14.97
N GLY B 201 9.54 16.55 13.82
CA GLY B 201 8.16 16.99 13.74
C GLY B 201 7.18 15.89 14.14
N ARG B 202 5.89 16.20 13.98
CA ARG B 202 4.79 15.38 14.47
C ARG B 202 3.76 15.16 13.37
N VAL B 203 2.68 14.47 13.73
CA VAL B 203 1.45 14.50 12.95
C VAL B 203 0.37 15.09 13.85
N ILE B 204 -0.39 16.04 13.31
CA ILE B 204 -1.54 16.60 13.99
C ILE B 204 -2.77 16.25 13.17
N ILE B 205 -3.71 15.53 13.76
CA ILE B 205 -4.95 15.14 13.11
C ILE B 205 -6.10 15.81 13.85
N GLY B 206 -7.01 16.48 13.11
CA GLY B 206 -8.11 17.18 13.74
C GLY B 206 -9.22 16.28 14.25
N ASP B 207 -10.43 16.83 14.33
CA ASP B 207 -11.62 16.12 14.78
C ASP B 207 -12.39 15.53 13.61
N ARG B 208 -13.08 14.42 13.89
CA ARG B 208 -13.99 13.77 12.96
C ARG B 208 -13.25 13.39 11.68
N VAL B 209 -12.02 12.92 11.84
CA VAL B 209 -11.20 12.47 10.71
C VAL B 209 -11.33 10.96 10.65
N GLU B 210 -11.58 10.42 9.46
CA GLU B 210 -11.68 8.99 9.23
C GLU B 210 -10.56 8.54 8.31
N ILE B 211 -9.82 7.53 8.74
CA ILE B 211 -8.64 7.07 8.00
C ILE B 211 -8.81 5.59 7.77
N GLY B 212 -8.59 5.15 6.54
CA GLY B 212 -8.80 3.77 6.19
C GLY B 212 -7.62 2.92 6.59
N ALA B 213 -7.53 1.76 5.92
CA ALA B 213 -6.65 0.66 6.32
C ALA B 213 -5.36 0.68 5.51
N CYS B 214 -4.27 0.29 6.17
CA CYS B 214 -2.97 0.28 5.50
C CYS B 214 -2.66 1.62 4.85
N THR B 215 -3.04 2.71 5.53
CA THR B 215 -2.64 4.04 5.12
C THR B 215 -1.46 4.48 5.97
N THR B 216 -0.55 5.23 5.36
CA THR B 216 0.62 5.71 6.10
C THR B 216 0.62 7.23 6.07
N ILE B 217 0.90 7.83 7.21
CA ILE B 217 0.98 9.27 7.36
C ILE B 217 2.28 9.54 8.11
N ASP B 218 3.27 10.13 7.43
CA ASP B 218 4.58 10.35 8.05
C ASP B 218 4.57 11.60 8.92
N ARG B 219 5.38 11.57 9.98
CA ARG B 219 5.59 12.75 10.81
C ARG B 219 6.45 13.76 10.04
N GLY B 220 6.37 15.03 10.48
CA GLY B 220 7.16 16.06 9.84
C GLY B 220 8.62 16.02 10.24
N ALA B 221 9.46 16.69 9.44
CA ALA B 221 10.90 16.69 9.68
C ALA B 221 11.29 17.61 10.84
N LEU B 222 10.64 18.77 10.94
CA LEU B 222 10.81 19.71 12.07
C LEU B 222 9.47 20.25 12.53
N ASP B 223 8.76 20.89 11.61
CA ASP B 223 7.37 21.24 11.84
C ASP B 223 6.51 20.03 11.46
N ASP B 224 5.20 20.18 11.41
CA ASP B 224 4.30 19.06 11.50
C ASP B 224 3.60 18.76 10.17
N THR B 225 3.27 17.48 10.01
CA THR B 225 2.22 17.01 9.10
C THR B 225 0.85 17.29 9.71
N ILE B 226 -0.06 17.91 8.96
CA ILE B 226 -1.33 18.34 9.52
C ILE B 226 -2.50 17.83 8.67
N ILE B 227 -3.49 17.20 9.34
CA ILE B 227 -4.73 16.75 8.73
C ILE B 227 -5.85 17.52 9.40
N GLY B 228 -6.63 18.28 8.60
CA GLY B 228 -7.69 19.12 9.14
C GLY B 228 -8.90 18.33 9.67
N ASN B 229 -9.88 19.08 10.20
CA ASN B 229 -11.09 18.47 10.73
C ASN B 229 -11.97 17.94 9.59
N GLY B 230 -12.70 16.86 9.89
CA GLY B 230 -13.69 16.37 8.95
C GLY B 230 -13.13 15.78 7.65
N VAL B 231 -11.84 15.48 7.62
CA VAL B 231 -11.15 14.87 6.47
C VAL B 231 -11.41 13.36 6.43
N ILE B 232 -11.68 12.83 5.25
CA ILE B 232 -11.82 11.38 5.10
C ILE B 232 -10.75 10.92 4.11
N ILE B 233 -10.00 9.90 4.51
CA ILE B 233 -8.91 9.32 3.75
C ILE B 233 -9.15 7.81 3.67
N ASP B 234 -8.99 7.25 2.48
CA ASP B 234 -9.35 5.87 2.21
C ASP B 234 -8.13 4.97 2.47
N ASN B 235 -8.20 3.71 2.05
CA ASN B 235 -7.14 2.71 2.21
C ASN B 235 -5.93 3.00 1.32
N GLN B 236 -4.78 2.45 1.71
CA GLN B 236 -3.58 2.41 0.86
C GLN B 236 -3.10 3.82 0.46
N CYS B 237 -3.41 4.83 1.26
CA CYS B 237 -2.92 6.17 0.97
C CYS B 237 -1.59 6.42 1.67
N GLN B 238 -0.86 7.38 1.13
CA GLN B 238 0.45 7.73 1.62
C GLN B 238 0.53 9.24 1.71
N ILE B 239 0.74 9.75 2.92
CA ILE B 239 0.85 11.16 3.20
C ILE B 239 2.24 11.44 3.78
N ALA B 240 3.09 12.06 2.95
CA ALA B 240 4.50 12.30 3.22
C ALA B 240 4.66 13.34 4.32
N HIS B 241 5.89 13.49 4.83
CA HIS B 241 6.11 14.47 5.88
C HIS B 241 5.74 15.87 5.42
N ASN B 242 5.12 16.61 6.34
CA ASN B 242 4.84 18.04 6.18
C ASN B 242 3.80 18.32 5.13
N VAL B 243 3.02 17.30 4.75
CA VAL B 243 1.80 17.58 3.98
C VAL B 243 0.79 18.23 4.93
N VAL B 244 -0.01 19.14 4.40
CA VAL B 244 -1.10 19.76 5.13
C VAL B 244 -2.37 19.56 4.33
N ILE B 245 -3.41 19.01 4.95
CA ILE B 245 -4.67 18.82 4.26
C ILE B 245 -5.78 19.61 4.95
N GLY B 246 -6.52 20.40 4.15
CA GLY B 246 -7.53 21.28 4.71
C GLY B 246 -8.83 20.55 5.08
N ASP B 247 -9.62 21.22 5.91
CA ASP B 247 -10.86 20.67 6.44
C ASP B 247 -11.74 20.08 5.35
N ASN B 248 -12.37 18.96 5.66
CA ASN B 248 -13.45 18.39 4.85
C ASN B 248 -12.97 17.87 3.51
N THR B 249 -11.66 17.76 3.30
CA THR B 249 -11.17 17.19 2.04
C THR B 249 -11.34 15.67 2.08
N ALA B 250 -11.63 15.10 0.92
CA ALA B 250 -11.76 13.64 0.79
C ALA B 250 -10.64 13.12 -0.08
N VAL B 251 -9.97 12.07 0.38
CA VAL B 251 -8.92 11.38 -0.39
C VAL B 251 -9.32 9.90 -0.60
N ALA B 252 -9.44 9.50 -1.85
CA ALA B 252 -9.87 8.14 -2.14
C ALA B 252 -8.67 7.19 -2.11
N GLY B 253 -8.94 5.91 -2.41
CA GLY B 253 -7.96 4.85 -2.18
C GLY B 253 -6.70 4.96 -3.03
N GLY B 254 -5.59 4.56 -2.43
CA GLY B 254 -4.31 4.47 -3.09
C GLY B 254 -3.65 5.77 -3.53
N VAL B 255 -4.06 6.92 -2.97
CA VAL B 255 -3.49 8.22 -3.34
C VAL B 255 -2.14 8.39 -2.66
N ILE B 256 -1.15 8.90 -3.41
CA ILE B 256 0.17 9.16 -2.89
C ILE B 256 0.45 10.66 -2.97
N MET B 257 0.88 11.23 -1.84
CA MET B 257 1.13 12.66 -1.70
C MET B 257 2.56 12.88 -1.24
N ALA B 258 3.34 13.59 -2.03
CA ALA B 258 4.73 13.81 -1.71
C ALA B 258 4.91 14.93 -0.69
N GLY B 259 6.15 15.10 -0.24
CA GLY B 259 6.43 15.93 0.91
C GLY B 259 6.09 17.39 0.68
N SER B 260 5.59 18.04 1.75
CA SER B 260 5.30 19.48 1.75
C SER B 260 4.20 19.86 0.76
N LEU B 261 3.38 18.92 0.31
CA LEU B 261 2.16 19.31 -0.39
C LEU B 261 1.17 19.99 0.56
N LYS B 262 0.51 21.04 0.09
CA LYS B 262 -0.62 21.63 0.81
C LYS B 262 -1.87 21.45 -0.04
N ILE B 263 -2.92 20.86 0.54
CA ILE B 263 -4.22 20.70 -0.11
C ILE B 263 -5.21 21.55 0.68
N GLY B 264 -6.00 22.36 -0.03
CA GLY B 264 -7.00 23.15 0.66
C GLY B 264 -8.22 22.39 1.15
N ARG B 265 -9.30 23.13 1.38
CA ARG B 265 -10.54 22.62 1.96
C ARG B 265 -11.47 22.15 0.85
N TYR B 266 -12.29 21.16 1.20
CA TYR B 266 -13.36 20.71 0.30
C TYR B 266 -12.81 20.19 -1.01
N CYS B 267 -11.59 19.65 -0.98
CA CYS B 267 -11.05 19.02 -2.17
C CYS B 267 -11.50 17.57 -2.24
N MET B 268 -11.46 17.02 -3.44
CA MET B 268 -11.80 15.62 -3.67
C MET B 268 -10.69 15.06 -4.53
N ILE B 269 -9.93 14.12 -3.97
CA ILE B 269 -8.78 13.54 -4.66
C ILE B 269 -9.13 12.12 -5.07
N GLY B 270 -9.21 11.89 -6.38
CA GLY B 270 -9.66 10.60 -6.88
C GLY B 270 -8.64 9.50 -6.67
N GLY B 271 -9.14 8.28 -6.74
CA GLY B 271 -8.34 7.13 -6.32
C GLY B 271 -7.09 6.98 -7.15
N ALA B 272 -6.00 6.56 -6.49
CA ALA B 272 -4.73 6.25 -7.14
C ALA B 272 -4.08 7.46 -7.83
N SER B 273 -4.51 8.68 -7.49
CA SER B 273 -3.81 9.89 -7.96
C SER B 273 -2.42 9.97 -7.37
N VAL B 274 -1.54 10.72 -8.04
CA VAL B 274 -0.16 10.89 -7.59
C VAL B 274 0.08 12.39 -7.46
N ILE B 275 0.21 12.89 -6.25
CA ILE B 275 0.29 14.34 -6.07
C ILE B 275 1.70 14.73 -5.62
N ASN B 276 2.39 15.48 -6.48
CA ASN B 276 3.75 15.85 -6.15
C ASN B 276 3.76 16.96 -5.07
N GLY B 277 4.95 17.24 -4.53
CA GLY B 277 5.11 17.99 -3.30
C GLY B 277 5.65 19.39 -3.51
N HIS B 278 5.86 20.10 -2.39
CA HIS B 278 6.33 21.48 -2.40
C HIS B 278 5.48 22.34 -3.33
N MET B 279 4.17 22.21 -3.21
CA MET B 279 3.26 22.98 -4.04
C MET B 279 1.91 23.02 -3.34
N GLU B 280 1.00 23.85 -3.84
CA GLU B 280 -0.29 24.01 -3.21
C GLU B 280 -1.43 23.75 -4.19
N ILE B 281 -2.48 23.13 -3.67
CA ILE B 281 -3.77 22.95 -4.35
C ILE B 281 -4.80 23.74 -3.55
N CYS B 282 -5.52 24.63 -4.21
CA CYS B 282 -6.45 25.53 -3.55
C CYS B 282 -7.73 24.81 -3.12
N ASP B 283 -8.61 25.53 -2.41
CA ASP B 283 -9.92 25.02 -2.02
C ASP B 283 -10.71 24.51 -3.22
N LYS B 284 -11.58 23.53 -2.97
CA LYS B 284 -12.62 23.09 -3.93
C LYS B 284 -12.04 22.60 -5.25
N VAL B 285 -10.97 21.80 -5.18
CA VAL B 285 -10.40 21.17 -6.36
C VAL B 285 -10.75 19.68 -6.33
N THR B 286 -11.17 19.17 -7.47
CA THR B 286 -11.40 17.75 -7.69
C THR B 286 -10.32 17.28 -8.66
N VAL B 287 -9.53 16.31 -8.22
CA VAL B 287 -8.58 15.60 -9.07
C VAL B 287 -9.18 14.24 -9.36
N THR B 288 -9.42 13.94 -10.64
CA THR B 288 -10.06 12.67 -10.96
C THR B 288 -9.07 11.50 -10.83
N GLY B 289 -9.61 10.28 -10.76
CA GLY B 289 -8.79 9.12 -10.48
C GLY B 289 -7.52 9.02 -11.30
N MET B 290 -6.42 8.63 -10.66
CA MET B 290 -5.11 8.47 -11.29
C MET B 290 -4.52 9.78 -11.79
N GLY B 291 -4.96 10.93 -11.28
CA GLY B 291 -4.45 12.19 -11.74
C GLY B 291 -2.98 12.31 -11.38
N MET B 292 -2.19 12.76 -12.33
CA MET B 292 -0.76 12.97 -12.16
C MET B 292 -0.56 14.47 -11.97
N VAL B 293 -0.41 14.90 -10.73
CA VAL B 293 -0.42 16.32 -10.40
C VAL B 293 1.04 16.78 -10.27
N MET B 294 1.52 17.53 -11.27
CA MET B 294 2.90 18.02 -11.27
C MET B 294 3.05 19.50 -10.92
N ARG B 295 1.97 20.28 -10.94
CA ARG B 295 2.00 21.73 -10.80
C ARG B 295 0.98 22.20 -9.78
N PRO B 296 1.19 23.38 -9.17
CA PRO B 296 0.16 23.97 -8.31
C PRO B 296 -1.17 24.13 -9.00
N ILE B 297 -2.24 24.01 -8.22
CA ILE B 297 -3.59 24.21 -8.74
C ILE B 297 -4.14 25.42 -8.00
N THR B 298 -4.42 26.50 -8.74
CA THR B 298 -4.71 27.80 -8.13
C THR B 298 -6.15 28.24 -8.35
N GLU B 299 -6.92 27.50 -9.18
CA GLU B 299 -8.34 27.77 -9.36
C GLU B 299 -9.14 26.53 -8.99
N PRO B 300 -10.30 26.69 -8.37
CA PRO B 300 -11.20 25.55 -8.16
C PRO B 300 -11.73 24.98 -9.47
N GLY B 301 -12.15 23.72 -9.40
CA GLY B 301 -12.66 23.05 -10.58
C GLY B 301 -12.16 21.64 -10.66
N VAL B 302 -12.44 20.98 -11.76
CA VAL B 302 -12.17 19.58 -11.95
C VAL B 302 -10.99 19.44 -12.89
N TYR B 303 -10.01 18.62 -12.51
CA TYR B 303 -8.78 18.43 -13.28
C TYR B 303 -8.50 16.95 -13.45
N SER B 304 -7.88 16.57 -14.57
CA SER B 304 -7.76 15.17 -14.96
C SER B 304 -6.48 14.92 -15.72
N SER B 305 -6.06 13.66 -15.74
CA SER B 305 -4.97 13.24 -16.62
C SER B 305 -5.15 11.77 -16.96
N GLY B 306 -4.32 11.28 -17.87
CA GLY B 306 -4.26 9.85 -18.16
C GLY B 306 -4.94 9.46 -19.47
N ILE B 307 -4.29 8.56 -20.21
CA ILE B 307 -4.83 8.06 -21.47
C ILE B 307 -5.47 6.70 -21.19
N PRO B 308 -6.78 6.55 -21.36
CA PRO B 308 -7.45 5.31 -20.95
C PRO B 308 -7.13 4.09 -21.80
N LEU B 309 -7.72 2.98 -21.39
CA LEU B 309 -7.43 1.67 -21.95
C LEU B 309 -7.85 1.57 -23.41
N GLN B 310 -7.09 0.82 -24.16
CA GLN B 310 -7.52 0.38 -25.49
C GLN B 310 -7.18 -1.08 -25.64
N PRO B 311 -7.74 -1.77 -26.63
CA PRO B 311 -7.27 -3.10 -26.98
C PRO B 311 -5.77 -3.07 -27.20
N ASN B 312 -5.09 -4.12 -26.76
CA ASN B 312 -3.62 -4.05 -26.71
C ASN B 312 -3.01 -3.77 -28.08
N LYS B 313 -3.59 -4.31 -29.15
CA LYS B 313 -3.07 -4.05 -30.49
C LYS B 313 -3.24 -2.60 -30.87
N VAL B 314 -4.39 -2.03 -30.52
CA VAL B 314 -4.63 -0.62 -30.73
C VAL B 314 -3.63 0.20 -29.91
N TRP B 315 -3.44 -0.18 -28.63
CA TRP B 315 -2.56 0.56 -27.71
C TRP B 315 -1.13 0.60 -28.22
N ARG B 316 -0.61 -0.52 -28.70
CA ARG B 316 0.76 -0.52 -29.21
C ARG B 316 0.95 0.59 -30.24
N LYS B 317 -0.03 0.78 -31.12
CA LYS B 317 0.09 1.81 -32.15
C LYS B 317 -0.06 3.20 -31.53
N THR B 318 -1.07 3.39 -30.68
CA THR B 318 -1.21 4.66 -29.97
C THR B 318 0.09 5.03 -29.26
N ALA B 319 0.68 4.07 -28.55
CA ALA B 319 1.87 4.44 -27.79
C ALA B 319 3.06 4.69 -28.71
N ALA B 320 3.20 3.92 -29.78
CA ALA B 320 4.31 4.18 -30.71
C ALA B 320 4.16 5.56 -31.37
N LEU B 321 2.92 5.92 -31.77
CA LEU B 321 2.73 7.22 -32.41
C LEU B 321 2.93 8.37 -31.42
N VAL B 322 2.43 8.22 -30.20
CA VAL B 322 2.60 9.29 -29.23
C VAL B 322 4.08 9.49 -28.93
N MET B 323 4.81 8.40 -28.74
CA MET B 323 6.23 8.52 -28.43
C MET B 323 7.00 9.16 -29.56
N ASN B 324 6.46 9.12 -30.78
CA ASN B 324 7.08 9.74 -31.94
C ASN B 324 6.37 11.02 -32.35
N ILE B 325 5.65 11.66 -31.42
CA ILE B 325 4.83 12.80 -31.81
C ILE B 325 5.67 14.01 -32.22
N ASP B 326 6.91 14.12 -31.73
CA ASP B 326 7.74 15.26 -32.14
C ASP B 326 7.97 15.23 -33.65
N ASP B 327 8.15 14.06 -34.23
CA ASP B 327 8.27 13.96 -35.67
C ASP B 327 6.97 14.31 -36.38
N MET B 328 5.84 13.92 -35.80
CA MET B 328 4.55 14.33 -36.34
C MET B 328 4.41 15.85 -36.33
N SER B 329 4.86 16.50 -35.25
CA SER B 329 4.77 17.95 -35.18
C SER B 329 5.66 18.62 -36.22
N LYS B 330 6.88 18.09 -36.43
CA LYS B 330 7.77 18.60 -37.47
C LYS B 330 7.18 18.45 -38.86
N ARG B 331 6.54 17.31 -39.13
CA ARG B 331 5.89 17.12 -40.41
C ARG B 331 4.76 18.11 -40.62
N LEU B 332 3.95 18.32 -39.58
CA LEU B 332 2.87 19.29 -39.66
C LEU B 332 3.42 20.69 -40.00
N LYS B 333 4.45 21.14 -39.27
CA LYS B 333 4.98 22.48 -39.54
C LYS B 333 5.54 22.57 -40.95
N SER B 334 6.22 21.52 -41.40
CA SER B 334 6.75 21.53 -42.76
CA SER B 334 6.76 21.54 -42.75
C SER B 334 5.64 21.70 -43.78
N LEU B 335 4.56 20.97 -43.59
CA LEU B 335 3.45 21.03 -44.53
C LEU B 335 2.78 22.40 -44.47
N GLU B 336 2.65 22.99 -43.27
CA GLU B 336 2.10 24.35 -43.20
C GLU B 336 2.98 25.33 -44.00
N ARG B 337 4.31 25.21 -43.88
CA ARG B 337 5.18 26.07 -44.67
C ARG B 337 4.88 25.94 -46.16
N LYS B 338 4.75 24.70 -46.65
CA LYS B 338 4.50 24.50 -48.09
C LYS B 338 3.18 25.11 -48.51
N VAL B 339 2.13 24.95 -47.68
CA VAL B 339 0.81 25.50 -48.01
C VAL B 339 0.84 27.03 -47.92
N ASN B 340 1.73 27.59 -47.10
CA ASN B 340 1.93 29.03 -47.04
C ASN B 340 2.82 29.58 -48.15
N GLN B 341 3.25 28.73 -49.10
CA GLN B 341 4.15 29.14 -50.18
C GLN B 341 5.48 29.67 -49.66
N GLN B 342 5.96 29.16 -48.53
CA GLN B 342 7.32 29.44 -48.08
C GLN B 342 8.12 28.14 -47.96
N GLY C 4 19.49 15.43 24.42
CA GLY C 4 20.36 15.76 25.55
C GLY C 4 21.04 17.13 25.33
N SER C 5 20.92 18.05 26.30
CA SER C 5 21.49 19.39 26.17
C SER C 5 23.01 19.34 26.04
N ILE C 6 23.55 20.30 25.29
CA ILE C 6 24.97 20.32 25.00
C ILE C 6 25.42 21.77 24.85
N ARG C 7 26.65 22.04 25.26
CA ARG C 7 27.22 23.38 25.10
C ARG C 7 27.50 23.64 23.63
N LEU C 8 27.25 24.89 23.21
CA LEU C 8 27.47 25.27 21.82
C LEU C 8 28.89 24.95 21.36
N ALA C 9 29.91 25.25 22.18
CA ALA C 9 31.27 24.95 21.76
C ALA C 9 31.47 23.45 21.55
N ASP C 10 30.88 22.63 22.43
CA ASP C 10 31.05 21.18 22.28
C ASP C 10 30.35 20.69 21.01
N LEU C 11 29.10 21.13 20.80
CA LEU C 11 28.39 20.83 19.56
C LEU C 11 29.22 21.26 18.35
N ALA C 12 29.74 22.50 18.39
CA ALA C 12 30.55 23.00 17.29
C ALA C 12 31.71 22.07 16.99
N GLN C 13 32.42 21.64 18.05
CA GLN C 13 33.52 20.70 17.90
C GLN C 13 33.03 19.40 17.27
N GLN C 14 31.93 18.84 17.79
CA GLN C 14 31.45 17.59 17.23
C GLN C 14 31.04 17.74 15.78
N LEU C 15 30.69 18.96 15.36
CA LEU C 15 30.28 19.20 13.98
C LEU C 15 31.43 19.62 13.06
N ASP C 16 32.64 19.83 13.58
CA ASP C 16 33.72 20.41 12.78
C ASP C 16 33.32 21.78 12.24
N ALA C 17 32.65 22.58 13.06
CA ALA C 17 32.14 23.88 12.69
C ALA C 17 32.98 24.97 13.35
N GLU C 18 33.11 26.12 12.68
CA GLU C 18 33.82 27.27 13.25
C GLU C 18 32.86 28.11 14.08
N LEU C 19 33.08 28.16 15.39
CA LEU C 19 32.17 28.88 16.27
C LEU C 19 32.45 30.38 16.24
N HIS C 20 31.39 31.17 16.16
CA HIS C 20 31.44 32.63 16.23
C HIS C 20 30.37 33.03 17.23
N GLY C 21 30.76 33.32 18.46
CA GLY C 21 29.84 33.63 19.53
C GLY C 21 30.17 32.83 20.76
N ASP C 22 29.22 32.79 21.69
CA ASP C 22 29.44 32.30 23.04
C ASP C 22 29.41 30.78 23.07
N GLY C 23 30.58 30.15 23.27
CA GLY C 23 30.67 28.69 23.33
C GLY C 23 29.90 28.06 24.48
N ASP C 24 29.50 28.84 25.49
CA ASP C 24 28.80 28.34 26.66
C ASP C 24 27.30 28.37 26.51
N ILE C 25 26.77 28.92 25.42
CA ILE C 25 25.35 28.78 25.14
C ILE C 25 24.97 27.30 25.23
N VAL C 26 23.79 27.02 25.81
CA VAL C 26 23.33 25.66 26.01
C VAL C 26 22.26 25.39 24.96
N ILE C 27 22.54 24.45 24.07
CA ILE C 27 21.63 24.05 23.01
C ILE C 27 20.83 22.85 23.50
N THR C 28 19.50 22.95 23.41
CA THR C 28 18.68 21.85 23.87
C THR C 28 17.99 21.09 22.76
N GLY C 29 18.02 21.56 21.52
CA GLY C 29 17.21 20.93 20.48
C GLY C 29 17.43 21.62 19.15
N VAL C 30 16.94 20.97 18.10
CA VAL C 30 16.97 21.52 16.76
C VAL C 30 15.58 22.02 16.42
N ALA C 31 15.51 23.13 15.67
CA ALA C 31 14.21 23.67 15.25
C ALA C 31 14.36 24.33 13.88
N SER C 32 13.23 24.43 13.18
CA SER C 32 13.17 25.21 11.94
C SER C 32 13.44 26.68 12.23
N MET C 33 13.81 27.42 11.19
CA MET C 33 14.14 28.82 11.41
C MET C 33 12.97 29.58 12.00
N GLN C 34 11.75 29.32 11.50
CA GLN C 34 10.60 30.06 12.01
C GLN C 34 10.16 29.59 13.40
N SER C 35 10.36 28.31 13.73
CA SER C 35 9.90 27.80 15.01
C SER C 35 10.95 27.93 16.11
N ALA C 36 12.20 28.18 15.74
CA ALA C 36 13.28 28.16 16.72
C ALA C 36 13.06 29.20 17.82
N GLN C 37 13.23 28.78 19.06
CA GLN C 37 13.21 29.62 20.25
C GLN C 37 14.55 29.51 20.98
N THR C 38 14.68 30.28 22.06
CA THR C 38 15.87 30.22 22.91
C THR C 38 16.19 28.77 23.26
N GLY C 39 17.49 28.43 23.23
CA GLY C 39 17.91 27.06 23.42
C GLY C 39 18.01 26.23 22.16
N HIS C 40 17.31 26.60 21.10
CA HIS C 40 17.35 25.85 19.85
C HIS C 40 18.52 26.29 18.97
N ILE C 41 19.08 25.33 18.24
CA ILE C 41 19.94 25.60 17.11
C ILE C 41 19.14 25.34 15.82
N THR C 42 19.41 26.13 14.79
CA THR C 42 18.77 25.97 13.48
C THR C 42 19.83 26.21 12.42
N PHE C 43 19.42 26.36 11.16
CA PHE C 43 20.37 26.40 10.07
C PHE C 43 19.78 27.21 8.93
N MET C 44 20.65 27.78 8.11
CA MET C 44 20.25 28.56 6.95
C MET C 44 20.90 27.92 5.72
N VAL C 45 20.09 27.45 4.79
CA VAL C 45 20.64 26.97 3.52
C VAL C 45 20.43 27.97 2.39
N ASN C 46 19.49 28.91 2.55
CA ASN C 46 19.07 29.83 1.50
C ASN C 46 19.52 31.25 1.84
N PRO C 47 20.47 31.83 1.12
CA PRO C 47 20.99 33.16 1.49
C PRO C 47 19.95 34.26 1.35
N LYS C 48 18.79 34.01 0.72
CA LYS C 48 17.75 35.02 0.71
C LYS C 48 17.20 35.29 2.10
N TYR C 49 17.38 34.37 3.06
CA TYR C 49 16.93 34.65 4.42
C TYR C 49 17.90 35.51 5.23
N ARG C 50 19.07 35.86 4.67
CA ARG C 50 20.04 36.66 5.41
C ARG C 50 19.39 37.87 6.08
N GLU C 51 18.60 38.63 5.32
CA GLU C 51 17.94 39.83 5.84
C GLU C 51 16.87 39.50 6.88
N HIS C 52 16.50 38.23 7.01
CA HIS C 52 15.48 37.74 7.93
C HIS C 52 16.06 37.13 9.20
N LEU C 53 17.38 37.01 9.29
CA LEU C 53 17.98 36.33 10.44
C LEU C 53 17.64 37.01 11.76
N GLY C 54 17.48 38.35 11.75
CA GLY C 54 17.07 39.05 12.95
C GLY C 54 15.68 38.69 13.44
N LEU C 55 14.88 38.02 12.63
CA LEU C 55 13.56 37.56 13.02
C LEU C 55 13.57 36.13 13.54
N CYS C 56 14.72 35.47 13.58
CA CYS C 56 14.84 34.11 14.06
C CYS C 56 15.27 34.12 15.53
N GLN C 57 14.54 33.39 16.38
CA GLN C 57 14.76 33.40 17.82
C GLN C 57 15.67 32.26 18.31
N ALA C 58 16.36 31.57 17.40
CA ALA C 58 17.28 30.50 17.76
C ALA C 58 18.47 31.06 18.56
N SER C 59 19.02 30.23 19.44
CA SER C 59 20.25 30.62 20.13
C SER C 59 21.49 30.48 19.23
N ALA C 60 21.39 29.79 18.10
CA ALA C 60 22.53 29.63 17.21
C ALA C 60 22.06 29.20 15.82
N VAL C 61 22.80 29.64 14.80
CA VAL C 61 22.44 29.37 13.41
C VAL C 61 23.66 28.81 12.69
N VAL C 62 23.50 27.61 12.08
CA VAL C 62 24.47 27.05 11.14
C VAL C 62 24.38 27.77 9.80
N MET C 63 25.51 28.26 9.30
CA MET C 63 25.52 28.98 8.02
C MET C 63 26.92 28.83 7.39
N THR C 64 27.11 29.44 6.23
CA THR C 64 28.40 29.40 5.53
C THR C 64 29.23 30.64 5.90
N GLN C 65 30.49 30.62 5.46
CA GLN C 65 31.36 31.78 5.68
C GLN C 65 30.79 33.03 5.00
N ASP C 66 30.19 32.87 3.81
CA ASP C 66 29.60 34.03 3.14
C ASP C 66 28.41 34.57 3.91
N ASP C 67 27.73 33.75 4.71
CA ASP C 67 26.58 34.24 5.46
C ASP C 67 26.99 34.99 6.70
N LEU C 68 28.18 34.71 7.22
CA LEU C 68 28.59 35.19 8.54
C LEU C 68 28.33 36.67 8.77
N PRO C 69 28.68 37.59 7.85
CA PRO C 69 28.48 39.01 8.16
C PRO C 69 27.03 39.36 8.42
N PHE C 70 26.10 38.44 8.10
CA PHE C 70 24.68 38.68 8.20
C PHE C 70 24.07 38.14 9.49
N ALA C 71 24.85 37.37 10.25
CA ALA C 71 24.33 36.71 11.43
C ALA C 71 23.81 37.73 12.42
N LYS C 72 22.75 37.37 13.14
CA LYS C 72 22.28 38.14 14.29
C LYS C 72 22.17 37.21 15.52
N SER C 73 23.14 36.31 15.64
CA SER C 73 23.16 35.30 16.70
C SER C 73 24.55 34.67 16.65
N ALA C 74 24.85 33.85 17.66
CA ALA C 74 25.99 32.95 17.53
C ALA C 74 25.83 32.13 16.25
N ALA C 75 26.92 31.99 15.50
CA ALA C 75 26.89 31.28 14.23
C ALA C 75 27.88 30.12 14.26
N LEU C 76 27.50 29.00 13.64
CA LEU C 76 28.42 27.90 13.35
C LEU C 76 28.69 27.89 11.85
N VAL C 77 29.93 28.17 11.47
CA VAL C 77 30.29 28.28 10.06
C VAL C 77 30.82 26.93 9.57
N VAL C 78 30.20 26.41 8.51
CA VAL C 78 30.50 25.09 7.97
C VAL C 78 30.49 25.23 6.47
N LYS C 79 31.06 24.23 5.79
CA LYS C 79 30.99 24.24 4.33
C LYS C 79 29.63 23.78 3.82
N ASN C 80 28.94 22.90 4.55
CA ASN C 80 27.69 22.29 4.10
C ASN C 80 26.67 22.39 5.22
N PRO C 81 25.86 23.46 5.24
CA PRO C 81 24.89 23.61 6.36
C PRO C 81 23.84 22.50 6.41
N TYR C 82 23.46 21.95 5.25
CA TYR C 82 22.43 20.93 5.20
C TYR C 82 22.94 19.63 5.80
N LEU C 83 24.14 19.18 5.38
CA LEU C 83 24.76 18.01 5.99
C LEU C 83 24.98 18.22 7.48
N THR C 84 25.35 19.45 7.87
CA THR C 84 25.59 19.76 9.27
C THR C 84 24.30 19.68 10.05
N TYR C 85 23.22 20.17 9.45
CA TYR C 85 21.92 20.03 10.07
C TYR C 85 21.60 18.56 10.31
N ALA C 86 21.78 17.69 9.29
CA ALA C 86 21.52 16.26 9.48
C ALA C 86 22.32 15.72 10.67
N ARG C 87 23.61 16.05 10.73
CA ARG C 87 24.47 15.57 11.80
C ARG C 87 24.01 16.09 13.15
N MET C 88 23.68 17.39 13.23
CA MET C 88 23.35 17.93 14.54
C MET C 88 21.98 17.46 14.99
N ALA C 89 21.08 17.23 14.05
CA ALA C 89 19.79 16.64 14.41
C ALA C 89 19.97 15.23 14.97
N GLN C 90 20.95 14.47 14.44
CA GLN C 90 21.28 13.17 15.01
C GLN C 90 21.78 13.31 16.45
N ILE C 91 22.73 14.23 16.67
CA ILE C 91 23.24 14.44 18.03
C ILE C 91 22.13 14.82 18.98
N LEU C 92 21.19 15.66 18.52
CA LEU C 92 20.13 16.20 19.38
C LEU C 92 18.78 15.47 19.18
N ASP C 93 18.81 14.29 18.56
CA ASP C 93 17.60 13.56 18.23
C ASP C 93 16.78 13.28 19.49
N THR C 94 15.50 13.68 19.46
CA THR C 94 14.52 13.33 20.48
C THR C 94 13.72 12.06 20.17
N THR C 95 13.97 11.42 19.04
CA THR C 95 13.21 10.21 18.70
C THR C 95 13.46 9.12 19.75
N PRO C 96 12.43 8.56 20.36
CA PRO C 96 12.65 7.48 21.35
C PRO C 96 13.15 6.20 20.68
N GLN C 97 13.54 5.23 21.52
CA GLN C 97 13.80 3.90 21.00
C GLN C 97 12.49 3.13 20.91
N PRO C 98 12.40 2.16 19.98
CA PRO C 98 11.17 1.33 19.89
C PRO C 98 10.92 0.45 21.12
N ALA C 99 11.93 0.17 21.93
CA ALA C 99 11.76 -0.61 23.13
C ALA C 99 13.00 -0.40 23.99
N GLN C 100 12.92 -0.82 25.25
CA GLN C 100 14.04 -0.79 26.18
C GLN C 100 13.94 -2.02 27.08
N ASN C 101 15.05 -2.75 27.21
CA ASN C 101 15.04 -4.03 27.94
C ASN C 101 14.13 -5.02 27.23
N ILE C 102 13.86 -6.14 27.86
CA ILE C 102 13.07 -7.21 27.27
C ILE C 102 11.76 -7.28 28.04
N ALA C 103 10.64 -6.95 27.37
CA ALA C 103 9.34 -6.84 28.02
C ALA C 103 8.87 -8.20 28.53
N PRO C 104 8.26 -8.26 29.73
CA PRO C 104 7.75 -9.56 30.23
C PRO C 104 6.68 -10.18 29.34
N SER C 105 6.01 -9.41 28.51
CA SER C 105 4.99 -9.91 27.62
C SER C 105 5.52 -10.35 26.26
N ALA C 106 6.80 -10.10 25.97
CA ALA C 106 7.35 -10.63 24.74
C ALA C 106 7.38 -12.15 24.82
N VAL C 107 7.19 -12.82 23.69
CA VAL C 107 7.25 -14.28 23.64
C VAL C 107 8.48 -14.64 22.84
N ILE C 108 9.47 -15.24 23.50
CA ILE C 108 10.78 -15.42 22.90
C ILE C 108 11.15 -16.89 23.01
N ASP C 109 11.32 -17.55 21.87
CA ASP C 109 11.65 -18.97 21.87
C ASP C 109 12.97 -19.23 22.60
N ALA C 110 13.06 -20.38 23.28
CA ALA C 110 14.24 -20.68 24.08
C ALA C 110 15.51 -20.75 23.23
N THR C 111 15.38 -21.09 21.95
CA THR C 111 16.52 -21.28 21.07
C THR C 111 16.98 -19.99 20.39
N ALA C 112 16.28 -18.88 20.60
CA ALA C 112 16.71 -17.63 20.02
C ALA C 112 17.99 -17.18 20.71
N LYS C 113 18.94 -16.67 19.94
CA LYS C 113 20.21 -16.22 20.48
C LYS C 113 20.22 -14.69 20.50
N LEU C 114 20.32 -14.10 21.69
CA LEU C 114 20.26 -12.66 21.88
C LEU C 114 21.65 -12.14 22.18
N GLY C 115 22.10 -11.15 21.42
CA GLY C 115 23.36 -10.50 21.73
C GLY C 115 23.25 -9.64 22.99
N ASN C 116 24.29 -8.83 23.20
CA ASN C 116 24.29 -7.88 24.31
C ASN C 116 23.40 -6.66 24.08
N ASN C 117 22.68 -6.26 25.13
CA ASN C 117 21.95 -4.99 25.15
C ASN C 117 20.83 -4.99 24.09
N VAL C 118 20.14 -6.11 23.97
CA VAL C 118 19.02 -6.23 23.03
C VAL C 118 17.76 -5.81 23.77
N SER C 119 16.94 -4.98 23.11
CA SER C 119 15.66 -4.60 23.67
C SER C 119 14.54 -5.17 22.79
N ILE C 120 13.50 -5.66 23.44
CA ILE C 120 12.39 -6.29 22.74
C ILE C 120 11.09 -5.83 23.40
N GLY C 121 10.24 -5.14 22.62
CA GLY C 121 9.09 -4.48 23.17
C GLY C 121 7.95 -5.42 23.48
N ALA C 122 6.94 -4.85 24.12
CA ALA C 122 5.82 -5.63 24.63
C ALA C 122 5.14 -6.41 23.50
N ASN C 123 4.84 -7.67 23.76
CA ASN C 123 4.07 -8.54 22.91
C ASN C 123 4.73 -8.83 21.58
N ALA C 124 6.01 -8.49 21.40
CA ALA C 124 6.72 -9.00 20.24
C ALA C 124 6.93 -10.53 20.38
N VAL C 125 7.10 -11.18 19.25
CA VAL C 125 7.16 -12.63 19.15
C VAL C 125 8.39 -12.97 18.34
N ILE C 126 9.27 -13.77 18.93
CA ILE C 126 10.55 -14.18 18.35
C ILE C 126 10.52 -15.70 18.21
N GLU C 127 10.71 -16.19 16.99
CA GLU C 127 10.66 -17.61 16.74
C GLU C 127 11.98 -18.30 17.12
N SER C 128 11.94 -19.64 17.04
CA SER C 128 13.11 -20.49 17.23
C SER C 128 14.20 -20.14 16.22
N GLY C 129 15.45 -20.31 16.63
CA GLY C 129 16.60 -20.12 15.77
C GLY C 129 16.92 -18.69 15.45
N VAL C 130 16.12 -17.73 15.92
CA VAL C 130 16.37 -16.33 15.59
C VAL C 130 17.65 -15.87 16.28
N GLU C 131 18.42 -14.99 15.64
CA GLU C 131 19.64 -14.43 16.23
C GLU C 131 19.59 -12.92 16.11
N LEU C 132 19.65 -12.22 17.26
CA LEU C 132 19.63 -10.77 17.30
C LEU C 132 20.99 -10.29 17.78
N GLY C 133 21.66 -9.48 16.97
CA GLY C 133 23.00 -9.03 17.34
C GLY C 133 22.97 -7.95 18.40
N ASP C 134 24.17 -7.55 18.85
CA ASP C 134 24.28 -6.59 19.93
C ASP C 134 23.50 -5.32 19.60
N ASN C 135 22.80 -4.79 20.61
CA ASN C 135 22.09 -3.51 20.52
C ASN C 135 20.92 -3.53 19.56
N VAL C 136 20.47 -4.69 19.10
CA VAL C 136 19.25 -4.74 18.29
C VAL C 136 18.06 -4.34 19.14
N ILE C 137 17.13 -3.61 18.55
CA ILE C 137 15.88 -3.24 19.21
C ILE C 137 14.69 -3.72 18.36
N ILE C 138 13.79 -4.47 18.97
CA ILE C 138 12.56 -4.94 18.33
C ILE C 138 11.38 -4.21 18.97
N GLY C 139 10.66 -3.41 18.19
CA GLY C 139 9.48 -2.73 18.71
C GLY C 139 8.37 -3.68 19.16
N ALA C 140 7.40 -3.11 19.88
CA ALA C 140 6.24 -3.85 20.33
C ALA C 140 5.52 -4.51 19.16
N GLY C 141 4.99 -5.72 19.39
CA GLY C 141 4.09 -6.31 18.44
C GLY C 141 4.74 -6.89 17.22
N CYS C 142 6.07 -6.82 17.09
CA CYS C 142 6.75 -7.36 15.93
C CYS C 142 6.67 -8.89 15.89
N PHE C 143 6.96 -9.46 14.73
CA PHE C 143 7.12 -10.90 14.56
C PHE C 143 8.43 -11.12 13.82
N VAL C 144 9.25 -12.03 14.33
CA VAL C 144 10.49 -12.39 13.64
C VAL C 144 10.52 -13.91 13.51
N GLY C 145 10.49 -14.38 12.26
CA GLY C 145 10.25 -15.79 11.98
C GLY C 145 11.49 -16.66 12.13
N LYS C 146 11.25 -17.96 12.00
CA LYS C 146 12.26 -18.96 12.34
C LYS C 146 13.56 -18.71 11.60
N ASN C 147 14.66 -18.80 12.34
CA ASN C 147 16.04 -18.75 11.86
C ASN C 147 16.45 -17.42 11.20
N SER C 148 15.61 -16.38 11.27
CA SER C 148 16.03 -15.10 10.73
C SER C 148 17.09 -14.44 11.61
N LYS C 149 17.94 -13.65 10.99
CA LYS C 149 19.10 -13.05 11.65
C LYS C 149 19.09 -11.56 11.42
N ILE C 150 19.30 -10.78 12.50
CA ILE C 150 19.22 -9.33 12.45
C ILE C 150 20.51 -8.81 13.06
N GLY C 151 21.31 -8.09 12.27
CA GLY C 151 22.64 -7.72 12.73
C GLY C 151 22.64 -6.60 13.74
N ALA C 152 23.78 -6.42 14.40
CA ALA C 152 23.91 -5.46 15.48
C ALA C 152 23.47 -4.06 15.08
N GLY C 153 22.84 -3.36 16.05
CA GLY C 153 22.42 -1.98 15.86
C GLY C 153 21.17 -1.82 15.01
N SER C 154 20.61 -2.88 14.45
CA SER C 154 19.39 -2.74 13.65
C SER C 154 18.18 -2.59 14.54
N ARG C 155 17.18 -1.86 14.05
CA ARG C 155 16.01 -1.54 14.84
C ARG C 155 14.75 -1.68 14.01
N LEU C 156 13.74 -2.28 14.61
CA LEU C 156 12.42 -2.48 14.02
C LEU C 156 11.45 -1.67 14.85
N TRP C 157 10.69 -0.77 14.22
CA TRP C 157 9.61 -0.11 14.94
C TRP C 157 8.49 -1.12 15.24
N ALA C 158 7.39 -0.65 15.83
CA ALA C 158 6.32 -1.54 16.27
C ALA C 158 5.67 -2.24 15.08
N ASN C 159 5.20 -3.45 15.30
CA ASN C 159 4.31 -4.10 14.34
C ASN C 159 4.97 -4.26 12.96
N VAL C 160 6.23 -4.65 12.96
CA VAL C 160 6.95 -5.07 11.76
C VAL C 160 6.91 -6.59 11.71
N THR C 161 6.78 -7.16 10.50
CA THR C 161 6.75 -8.60 10.32
C THR C 161 7.94 -9.06 9.49
N ILE C 162 8.80 -9.88 10.09
CA ILE C 162 9.89 -10.55 9.41
C ILE C 162 9.56 -12.03 9.34
N TYR C 163 9.63 -12.61 8.15
CA TYR C 163 9.30 -14.04 8.02
C TYR C 163 10.51 -14.90 8.35
N HIS C 164 10.48 -16.18 7.94
CA HIS C 164 11.56 -17.10 8.25
C HIS C 164 12.75 -16.92 7.29
N GLU C 165 13.94 -17.26 7.81
CA GLU C 165 15.19 -17.37 7.03
C GLU C 165 15.59 -16.05 6.39
N ILE C 166 15.21 -14.93 7.01
CA ILE C 166 15.55 -13.59 6.54
C ILE C 166 16.86 -13.16 7.18
N GLN C 167 17.77 -12.61 6.37
CA GLN C 167 19.02 -12.03 6.86
C GLN C 167 18.95 -10.51 6.73
N ILE C 168 19.14 -9.80 7.84
CA ILE C 168 19.16 -8.34 7.87
C ILE C 168 20.49 -7.91 8.48
N GLY C 169 21.13 -6.91 7.88
CA GLY C 169 22.44 -6.48 8.33
C GLY C 169 22.42 -5.58 9.55
N GLN C 170 23.48 -4.82 9.68
CA GLN C 170 23.71 -3.96 10.84
C GLN C 170 23.19 -2.56 10.61
N ASN C 171 22.71 -1.93 11.69
CA ASN C 171 22.34 -0.50 11.66
C ASN C 171 21.24 -0.20 10.62
N CYS C 172 20.37 -1.17 10.39
CA CYS C 172 19.16 -0.95 9.61
C CYS C 172 18.06 -0.35 10.48
N LEU C 173 17.04 0.18 9.80
CA LEU C 173 15.87 0.72 10.48
C LEU C 173 14.65 0.41 9.60
N ILE C 174 13.65 -0.23 10.17
CA ILE C 174 12.43 -0.61 9.45
C ILE C 174 11.24 0.00 10.19
N GLN C 175 10.43 0.76 9.47
CA GLN C 175 9.26 1.42 10.05
C GLN C 175 8.10 0.43 10.16
N SER C 176 7.07 0.84 10.91
CA SER C 176 5.97 -0.08 11.25
C SER C 176 5.17 -0.53 10.02
N GLY C 177 4.57 -1.70 10.16
CA GLY C 177 3.67 -2.26 9.14
C GLY C 177 4.38 -2.94 8.00
N THR C 178 5.70 -2.84 7.93
CA THR C 178 6.44 -3.42 6.84
C THR C 178 6.54 -4.92 7.01
N VAL C 179 6.59 -5.63 5.89
CA VAL C 179 6.57 -7.08 5.87
C VAL C 179 7.74 -7.55 5.01
N VAL C 180 8.66 -8.32 5.58
CA VAL C 180 9.85 -8.76 4.84
C VAL C 180 9.82 -10.27 4.76
N GLY C 181 9.78 -10.79 3.52
CA GLY C 181 9.86 -12.22 3.29
C GLY C 181 8.57 -12.95 3.06
N ALA C 182 7.50 -12.26 2.67
CA ALA C 182 6.26 -12.94 2.31
C ALA C 182 6.47 -13.80 1.07
N ASP C 183 5.54 -14.73 0.84
CA ASP C 183 5.47 -15.43 -0.46
C ASP C 183 5.02 -14.48 -1.57
N GLY C 184 5.80 -14.41 -2.63
CA GLY C 184 5.33 -13.73 -3.82
C GLY C 184 4.44 -14.63 -4.66
N PHE C 185 3.85 -14.03 -5.71
CA PHE C 185 3.14 -14.81 -6.72
C PHE C 185 4.07 -15.85 -7.33
N GLY C 186 3.70 -17.10 -7.17
CA GLY C 186 4.42 -18.21 -7.75
C GLY C 186 3.41 -19.29 -7.95
N TYR C 187 2.89 -19.43 -9.17
CA TYR C 187 1.84 -20.39 -9.46
C TYR C 187 2.08 -21.05 -10.80
N ALA C 188 1.87 -22.35 -10.85
CA ALA C 188 1.69 -23.02 -12.13
C ALA C 188 0.21 -23.04 -12.43
N ASN C 189 -0.12 -22.81 -13.70
CA ASN C 189 -1.50 -22.90 -14.17
C ASN C 189 -1.77 -24.33 -14.62
N ASP C 190 -2.76 -24.96 -14.01
CA ASP C 190 -3.15 -26.32 -14.34
C ASP C 190 -4.62 -26.30 -14.76
N ARG C 191 -4.87 -25.94 -16.03
CA ARG C 191 -6.22 -25.96 -16.59
C ARG C 191 -7.06 -24.84 -15.98
N GLY C 192 -6.53 -23.62 -16.01
CA GLY C 192 -7.15 -22.48 -15.36
C GLY C 192 -7.14 -22.50 -13.85
N ASN C 193 -6.75 -23.61 -13.23
CA ASN C 193 -6.58 -23.69 -11.78
C ASN C 193 -5.13 -23.35 -11.41
N TRP C 194 -4.97 -22.54 -10.38
CA TRP C 194 -3.66 -22.12 -9.93
C TRP C 194 -3.10 -23.12 -8.93
N VAL C 195 -1.85 -23.54 -9.14
CA VAL C 195 -1.13 -24.46 -8.27
C VAL C 195 -0.01 -23.66 -7.61
N LYS C 196 -0.08 -23.52 -6.28
CA LYS C 196 0.89 -22.67 -5.58
C LYS C 196 2.27 -23.33 -5.55
N ILE C 197 3.29 -22.55 -5.92
CA ILE C 197 4.68 -22.97 -5.81
C ILE C 197 5.24 -22.44 -4.49
N PRO C 198 5.67 -23.29 -3.56
CA PRO C 198 6.40 -22.77 -2.39
C PRO C 198 7.53 -21.85 -2.82
N GLN C 199 7.69 -20.75 -2.08
CA GLN C 199 8.76 -19.78 -2.27
C GLN C 199 9.81 -20.03 -1.19
N ILE C 200 10.92 -20.65 -1.58
CA ILE C 200 11.90 -21.17 -0.64
C ILE C 200 13.24 -20.43 -0.71
N GLY C 201 13.37 -19.41 -1.56
CA GLY C 201 14.46 -18.47 -1.40
C GLY C 201 14.21 -17.53 -0.22
N ARG C 202 15.09 -16.53 -0.09
CA ARG C 202 15.06 -15.70 1.09
C ARG C 202 14.98 -14.21 0.70
N VAL C 203 15.15 -13.34 1.70
CA VAL C 203 15.50 -11.94 1.53
C VAL C 203 16.82 -11.71 2.27
N ILE C 204 17.78 -11.06 1.60
CA ILE C 204 19.05 -10.66 2.19
C ILE C 204 19.07 -9.14 2.12
N ILE C 205 19.01 -8.50 3.28
CA ILE C 205 19.07 -7.04 3.37
C ILE C 205 20.42 -6.69 3.95
N GLY C 206 21.11 -5.74 3.33
CA GLY C 206 22.47 -5.42 3.71
C GLY C 206 22.51 -4.54 4.94
N ASP C 207 23.61 -3.78 5.08
CA ASP C 207 23.82 -2.87 6.21
C ASP C 207 23.32 -1.47 5.89
N ARG C 208 22.91 -0.76 6.96
CA ARG C 208 22.52 0.65 6.86
C ARG C 208 21.37 0.85 5.90
N VAL C 209 20.43 -0.12 5.88
CA VAL C 209 19.24 -0.03 5.06
C VAL C 209 18.08 0.56 5.86
N GLU C 210 17.37 1.52 5.28
CA GLU C 210 16.18 2.07 5.88
C GLU C 210 14.98 1.74 5.00
N ILE C 211 13.93 1.24 5.62
CA ILE C 211 12.72 0.82 4.94
C ILE C 211 11.56 1.50 5.65
N GLY C 212 10.70 2.18 4.87
CA GLY C 212 9.59 2.94 5.40
C GLY C 212 8.46 2.02 5.85
N ALA C 213 7.26 2.59 5.97
CA ALA C 213 6.13 1.91 6.59
C ALA C 213 5.26 1.20 5.55
N CYS C 214 4.71 0.04 5.95
CA CYS C 214 3.83 -0.74 5.07
C CYS C 214 4.46 -1.04 3.72
N THR C 215 5.78 -1.19 3.68
CA THR C 215 6.45 -1.70 2.50
C THR C 215 6.49 -3.22 2.55
N THR C 216 6.35 -3.88 1.38
CA THR C 216 6.40 -5.35 1.33
C THR C 216 7.55 -5.82 0.45
N ILE C 217 8.36 -6.72 0.98
CA ILE C 217 9.49 -7.29 0.26
C ILE C 217 9.28 -8.80 0.27
N ASP C 218 9.05 -9.38 -0.91
CA ASP C 218 8.83 -10.82 -0.96
C ASP C 218 10.15 -11.56 -0.99
N ARG C 219 10.14 -12.78 -0.42
CA ARG C 219 11.28 -13.69 -0.55
C ARG C 219 11.40 -14.22 -1.99
N GLY C 220 12.59 -14.73 -2.33
CA GLY C 220 12.80 -15.29 -3.65
C GLY C 220 12.15 -16.66 -3.82
N ALA C 221 11.95 -17.06 -5.08
CA ALA C 221 11.31 -18.36 -5.32
C ALA C 221 12.26 -19.52 -5.02
N LEU C 222 13.51 -19.42 -5.46
CA LEU C 222 14.55 -20.41 -5.16
C LEU C 222 15.81 -19.75 -4.63
N ASP C 223 16.39 -18.86 -5.43
CA ASP C 223 17.42 -17.93 -4.96
C ASP C 223 16.75 -16.74 -4.27
N ASP C 224 17.51 -15.69 -3.96
CA ASP C 224 17.11 -14.68 -3.00
C ASP C 224 16.73 -13.33 -3.62
N THR C 225 15.82 -12.63 -2.92
CA THR C 225 15.66 -11.18 -3.03
C THR C 225 16.78 -10.48 -2.25
N ILE C 226 17.40 -9.47 -2.85
CA ILE C 226 18.61 -8.88 -2.27
C ILE C 226 18.49 -7.36 -2.25
N ILE C 227 18.63 -6.76 -1.06
CA ILE C 227 18.70 -5.32 -0.91
C ILE C 227 20.15 -4.98 -0.56
N GLY C 228 20.78 -4.12 -1.35
CA GLY C 228 22.17 -3.76 -1.10
C GLY C 228 22.35 -2.92 0.15
N ASN C 229 23.62 -2.55 0.45
CA ASN C 229 23.91 -1.71 1.59
C ASN C 229 23.51 -0.28 1.29
N GLY C 230 23.09 0.43 2.34
CA GLY C 230 22.90 1.85 2.17
C GLY C 230 21.68 2.22 1.36
N VAL C 231 20.87 1.23 0.99
CA VAL C 231 19.60 1.48 0.31
C VAL C 231 18.60 2.15 1.25
N ILE C 232 17.84 3.09 0.71
CA ILE C 232 16.73 3.70 1.42
C ILE C 232 15.46 3.44 0.61
N ILE C 233 14.45 2.91 1.28
CA ILE C 233 13.19 2.56 0.62
C ILE C 233 12.06 3.21 1.41
N ASP C 234 11.19 3.93 0.70
CA ASP C 234 10.12 4.71 1.32
C ASP C 234 8.89 3.82 1.60
N ASN C 235 7.76 4.44 1.93
CA ASN C 235 6.56 3.74 2.35
C ASN C 235 5.87 3.03 1.19
N GLN C 236 5.22 1.92 1.51
CA GLN C 236 4.26 1.27 0.63
C GLN C 236 4.86 0.92 -0.74
N CYS C 237 6.14 0.55 -0.74
CA CYS C 237 6.73 -0.06 -1.92
C CYS C 237 6.46 -1.57 -1.95
N GLN C 238 6.34 -2.11 -3.15
CA GLN C 238 6.28 -3.55 -3.37
C GLN C 238 7.56 -3.97 -4.08
N ILE C 239 8.34 -4.81 -3.40
CA ILE C 239 9.57 -5.37 -3.94
C ILE C 239 9.35 -6.88 -4.11
N ALA C 240 9.23 -7.32 -5.36
CA ALA C 240 8.78 -8.66 -5.70
C ALA C 240 9.91 -9.69 -5.53
N HIS C 241 9.54 -10.96 -5.63
CA HIS C 241 10.51 -12.04 -5.44
C HIS C 241 11.70 -11.88 -6.37
N ASN C 242 12.90 -12.12 -5.85
CA ASN C 242 14.14 -12.11 -6.65
C ASN C 242 14.50 -10.73 -7.22
N VAL C 243 13.90 -9.65 -6.72
CA VAL C 243 14.41 -8.34 -7.08
C VAL C 243 15.78 -8.17 -6.44
N VAL C 244 16.67 -7.48 -7.14
CA VAL C 244 17.97 -7.11 -6.59
C VAL C 244 18.09 -5.59 -6.71
N ILE C 245 18.32 -4.91 -5.58
CA ILE C 245 18.51 -3.45 -5.55
C ILE C 245 19.96 -3.17 -5.13
N GLY C 246 20.70 -2.43 -5.98
CA GLY C 246 22.09 -2.22 -5.72
C GLY C 246 22.33 -1.20 -4.61
N ASP C 247 23.53 -1.24 -4.03
CA ASP C 247 23.90 -0.35 -2.93
C ASP C 247 23.55 1.09 -3.21
N ASN C 248 23.15 1.79 -2.13
CA ASN C 248 22.92 3.24 -2.11
C ASN C 248 21.77 3.71 -2.98
N THR C 249 21.05 2.82 -3.63
CA THR C 249 19.87 3.25 -4.38
C THR C 249 18.78 3.76 -3.44
N ALA C 250 18.03 4.76 -3.91
CA ALA C 250 16.88 5.32 -3.20
C ALA C 250 15.60 4.96 -3.96
N VAL C 251 14.58 4.46 -3.24
CA VAL C 251 13.27 4.16 -3.82
C VAL C 251 12.23 4.95 -3.03
N ALA C 252 11.54 5.87 -3.70
CA ALA C 252 10.57 6.73 -3.04
C ALA C 252 9.21 6.02 -2.93
N GLY C 253 8.22 6.71 -2.37
CA GLY C 253 7.04 6.02 -1.86
C GLY C 253 6.22 5.39 -2.99
N GLY C 254 5.64 4.24 -2.69
CA GLY C 254 4.60 3.72 -3.57
C GLY C 254 5.07 3.08 -4.86
N VAL C 255 6.37 2.76 -4.97
CA VAL C 255 6.90 2.11 -6.17
C VAL C 255 6.57 0.63 -6.18
N ILE C 256 6.12 0.13 -7.32
CA ILE C 256 5.77 -1.27 -7.53
C ILE C 256 6.81 -1.85 -8.49
N MET C 257 7.56 -2.86 -8.03
CA MET C 257 8.51 -3.58 -8.87
C MET C 257 8.05 -5.02 -9.08
N ALA C 258 8.16 -5.52 -10.32
CA ALA C 258 7.83 -6.91 -10.59
C ALA C 258 9.03 -7.84 -10.38
N GLY C 259 8.75 -9.13 -10.38
CA GLY C 259 9.77 -10.10 -10.02
C GLY C 259 10.99 -10.06 -10.92
N SER C 260 12.14 -10.37 -10.31
CA SER C 260 13.43 -10.55 -10.98
C SER C 260 13.92 -9.29 -11.67
N LEU C 261 13.39 -8.13 -11.27
CA LEU C 261 14.02 -6.87 -11.64
C LEU C 261 15.36 -6.72 -10.93
N LYS C 262 16.34 -6.27 -11.67
CA LYS C 262 17.62 -5.94 -11.08
C LYS C 262 17.85 -4.43 -11.24
N ILE C 263 18.08 -3.74 -10.12
CA ILE C 263 18.39 -2.31 -10.13
C ILE C 263 19.84 -2.13 -9.67
N GLY C 264 20.60 -1.30 -10.41
CA GLY C 264 22.00 -1.12 -10.11
C GLY C 264 22.22 -0.22 -8.90
N ARG C 265 23.47 0.16 -8.72
CA ARG C 265 23.85 1.03 -7.61
C ARG C 265 23.56 2.50 -7.88
N TYR C 266 23.34 3.27 -6.81
CA TYR C 266 23.12 4.72 -6.91
C TYR C 266 22.00 5.09 -7.89
N CYS C 267 20.95 4.28 -7.96
CA CYS C 267 19.80 4.74 -8.73
C CYS C 267 18.88 5.55 -7.84
N MET C 268 17.97 6.29 -8.48
CA MET C 268 16.95 7.06 -7.77
C MET C 268 15.62 6.83 -8.47
N ILE C 269 14.69 6.18 -7.77
CA ILE C 269 13.42 5.75 -8.35
C ILE C 269 12.31 6.62 -7.75
N GLY C 270 11.72 7.47 -8.56
CA GLY C 270 10.77 8.41 -8.05
C GLY C 270 9.44 7.75 -7.67
N GLY C 271 8.70 8.43 -6.80
CA GLY C 271 7.55 7.80 -6.18
C GLY C 271 6.52 7.39 -7.20
N ALA C 272 5.78 6.31 -6.89
CA ALA C 272 4.64 5.86 -7.69
C ALA C 272 5.03 5.28 -9.04
N SER C 273 6.33 5.11 -9.30
CA SER C 273 6.78 4.44 -10.50
C SER C 273 6.35 2.97 -10.49
N VAL C 274 6.33 2.38 -11.69
CA VAL C 274 5.84 1.03 -11.92
C VAL C 274 6.86 0.34 -12.81
N ILE C 275 7.55 -0.67 -12.27
CA ILE C 275 8.74 -1.19 -12.93
C ILE C 275 8.56 -2.67 -13.27
N ASN C 276 8.73 -3.00 -14.55
CA ASN C 276 8.57 -4.34 -15.08
C ASN C 276 9.68 -5.26 -14.54
N GLY C 277 9.43 -6.57 -14.60
CA GLY C 277 10.35 -7.56 -14.06
C GLY C 277 11.23 -8.19 -15.11
N HIS C 278 12.04 -9.17 -14.69
CA HIS C 278 12.94 -9.93 -15.56
C HIS C 278 13.73 -9.03 -16.50
N MET C 279 14.43 -8.06 -15.93
CA MET C 279 15.13 -7.07 -16.72
C MET C 279 16.01 -6.25 -15.79
N GLU C 280 16.81 -5.40 -16.38
CA GLU C 280 17.86 -4.75 -15.62
C GLU C 280 17.81 -3.25 -15.81
N ILE C 281 18.00 -2.52 -14.71
CA ILE C 281 18.27 -1.10 -14.75
C ILE C 281 19.70 -0.89 -14.29
N CYS C 282 20.50 -0.19 -15.08
CA CYS C 282 21.92 -0.06 -14.79
C CYS C 282 22.18 0.93 -13.66
N ASP C 283 23.47 1.07 -13.30
CA ASP C 283 23.87 2.04 -12.29
C ASP C 283 23.47 3.46 -12.70
N LYS C 284 23.21 4.32 -11.69
CA LYS C 284 23.11 5.78 -11.89
C LYS C 284 21.93 6.16 -12.80
N VAL C 285 20.79 5.52 -12.58
CA VAL C 285 19.59 5.85 -13.31
C VAL C 285 18.62 6.54 -12.37
N THR C 286 17.99 7.59 -12.87
CA THR C 286 16.93 8.30 -12.18
C THR C 286 15.66 8.14 -12.99
N VAL C 287 14.64 7.55 -12.38
CA VAL C 287 13.30 7.54 -12.96
C VAL C 287 12.45 8.55 -12.20
N THR C 288 11.89 9.52 -12.91
CA THR C 288 11.06 10.51 -12.24
C THR C 288 9.71 9.90 -11.87
N GLY C 289 8.99 10.60 -10.99
CA GLY C 289 7.78 10.10 -10.39
C GLY C 289 6.77 9.53 -11.37
N MET C 290 6.13 8.44 -11.01
CA MET C 290 5.08 7.83 -11.83
C MET C 290 5.62 7.24 -13.12
N GLY C 291 6.91 6.94 -13.16
CA GLY C 291 7.48 6.37 -14.35
C GLY C 291 6.95 5.00 -14.67
N MET C 292 6.62 4.80 -15.96
CA MET C 292 6.11 3.54 -16.50
C MET C 292 7.30 2.86 -17.16
N VAL C 293 8.02 2.06 -16.38
CA VAL C 293 9.26 1.48 -16.84
C VAL C 293 8.93 0.09 -17.39
N MET C 294 8.71 0.00 -18.70
CA MET C 294 8.44 -1.32 -19.27
C MET C 294 9.71 -2.04 -19.72
N ARG C 295 10.77 -1.30 -20.06
CA ARG C 295 11.91 -1.86 -20.79
C ARG C 295 13.20 -1.67 -20.01
N PRO C 296 14.20 -2.54 -20.24
CA PRO C 296 15.50 -2.37 -19.58
C PRO C 296 16.05 -0.96 -19.79
N ILE C 297 16.80 -0.49 -18.80
CA ILE C 297 17.50 0.78 -18.93
C ILE C 297 18.98 0.47 -18.86
N THR C 298 19.70 0.81 -19.90
CA THR C 298 21.07 0.34 -20.07
C THR C 298 22.06 1.48 -20.06
N GLU C 299 21.60 2.73 -20.01
CA GLU C 299 22.47 3.91 -19.93
C GLU C 299 22.12 4.74 -18.71
N PRO C 300 23.11 5.26 -17.98
CA PRO C 300 22.80 6.14 -16.85
C PRO C 300 22.08 7.37 -17.35
N GLY C 301 21.39 8.07 -16.44
CA GLY C 301 20.70 9.26 -16.86
C GLY C 301 19.31 9.31 -16.29
N VAL C 302 18.53 10.27 -16.79
CA VAL C 302 17.22 10.58 -16.24
C VAL C 302 16.15 10.17 -17.24
N TYR C 303 15.11 9.46 -16.77
CA TYR C 303 14.03 8.97 -17.62
C TYR C 303 12.67 9.33 -17.01
N SER C 304 11.68 9.58 -17.87
CA SER C 304 10.38 10.09 -17.44
C SER C 304 9.27 9.52 -18.31
N SER C 305 8.06 9.54 -17.77
CA SER C 305 6.88 9.23 -18.55
C SER C 305 5.69 9.96 -17.96
N GLY C 306 4.58 9.93 -18.69
CA GLY C 306 3.32 10.39 -18.12
C GLY C 306 2.91 11.73 -18.71
N ILE C 307 1.60 11.89 -18.90
CA ILE C 307 0.97 13.10 -19.40
C ILE C 307 0.28 13.77 -18.22
N PRO C 308 0.73 14.94 -17.76
CA PRO C 308 0.24 15.48 -16.50
C PRO C 308 -1.13 16.15 -16.62
N LEU C 309 -1.62 16.61 -15.47
CA LEU C 309 -2.96 17.12 -15.28
C LEU C 309 -3.30 18.28 -16.23
N GLN C 310 -4.55 18.28 -16.70
CA GLN C 310 -5.13 19.44 -17.37
C GLN C 310 -6.51 19.73 -16.81
N PRO C 311 -7.06 20.92 -17.05
CA PRO C 311 -8.47 21.13 -16.72
C PRO C 311 -9.29 20.03 -17.38
N ASN C 312 -10.28 19.51 -16.66
CA ASN C 312 -11.03 18.35 -17.16
C ASN C 312 -11.56 18.58 -18.58
N LYS C 313 -12.11 19.76 -18.87
CA LYS C 313 -12.61 20.02 -20.22
C LYS C 313 -11.51 19.82 -21.27
N VAL C 314 -10.29 20.25 -20.96
CA VAL C 314 -9.15 20.10 -21.85
C VAL C 314 -8.72 18.65 -21.92
N TRP C 315 -8.66 17.99 -20.77
CA TRP C 315 -8.25 16.60 -20.74
C TRP C 315 -9.14 15.74 -21.64
N ARG C 316 -10.45 15.99 -21.65
CA ARG C 316 -11.31 15.12 -22.43
C ARG C 316 -10.91 15.12 -23.89
N LYS C 317 -10.56 16.31 -24.44
CA LYS C 317 -10.11 16.37 -25.83
C LYS C 317 -8.74 15.73 -26.01
N THR C 318 -7.80 16.01 -25.09
CA THR C 318 -6.48 15.42 -25.17
C THR C 318 -6.56 13.89 -25.22
N ALA C 319 -7.31 13.30 -24.30
CA ALA C 319 -7.39 11.85 -24.26
C ALA C 319 -8.09 11.29 -25.50
N ALA C 320 -9.13 11.97 -25.98
CA ALA C 320 -9.82 11.48 -27.17
C ALA C 320 -8.91 11.57 -28.39
N LEU C 321 -8.16 12.67 -28.51
CA LEU C 321 -7.28 12.84 -29.67
C LEU C 321 -6.14 11.84 -29.63
N VAL C 322 -5.53 11.61 -28.46
CA VAL C 322 -4.49 10.61 -28.35
C VAL C 322 -5.04 9.23 -28.69
N MET C 323 -6.20 8.87 -28.14
CA MET C 323 -6.74 7.54 -28.43
C MET C 323 -6.98 7.34 -29.92
N ASN C 324 -7.31 8.40 -30.63
CA ASN C 324 -7.55 8.38 -32.08
CA ASN C 324 -7.53 8.33 -32.08
C ASN C 324 -6.34 8.84 -32.89
N ILE C 325 -5.12 8.75 -32.33
CA ILE C 325 -3.99 9.37 -32.99
C ILE C 325 -3.60 8.64 -34.28
N ASP C 326 -3.87 7.34 -34.38
CA ASP C 326 -3.60 6.68 -35.65
C ASP C 326 -4.38 7.34 -36.79
N ASP C 327 -5.61 7.80 -36.54
CA ASP C 327 -6.37 8.43 -37.60
C ASP C 327 -5.79 9.80 -37.94
N MET C 328 -5.32 10.51 -36.90
CA MET C 328 -4.61 11.75 -37.13
C MET C 328 -3.38 11.51 -37.99
N SER C 329 -2.61 10.47 -37.66
CA SER C 329 -1.40 10.18 -38.42
C SER C 329 -1.69 9.86 -39.89
N LYS C 330 -2.73 9.05 -40.15
CA LYS C 330 -3.11 8.74 -41.53
C LYS C 330 -3.53 9.98 -42.29
N ARG C 331 -4.36 10.83 -41.66
CA ARG C 331 -4.72 12.09 -42.29
C ARG C 331 -3.50 12.91 -42.62
N LEU C 332 -2.52 12.93 -41.71
CA LEU C 332 -1.31 13.68 -41.99
C LEU C 332 -0.58 13.12 -43.20
N LYS C 333 -0.48 11.79 -43.28
CA LYS C 333 0.22 11.16 -44.39
C LYS C 333 -0.45 11.46 -45.71
N SER C 334 -1.77 11.53 -45.71
CA SER C 334 -2.49 11.66 -46.95
C SER C 334 -2.60 13.12 -47.37
N LEU C 335 -2.52 14.05 -46.41
CA LEU C 335 -2.32 15.44 -46.77
C LEU C 335 -0.93 15.66 -47.33
N GLU C 336 0.07 14.89 -46.86
CA GLU C 336 1.41 15.03 -47.40
C GLU C 336 1.48 14.54 -48.84
N ARG C 337 0.78 13.44 -49.15
CA ARG C 337 0.75 12.97 -50.53
C ARG C 337 0.00 13.95 -51.43
N LYS C 338 -1.17 14.44 -50.98
CA LYS C 338 -1.97 15.34 -51.80
C LYS C 338 -1.20 16.62 -52.14
N VAL C 339 -0.40 17.12 -51.19
CA VAL C 339 0.37 18.33 -51.44
C VAL C 339 1.51 18.06 -52.42
N ASN C 340 2.17 16.92 -52.29
CA ASN C 340 3.33 16.60 -53.12
C ASN C 340 2.95 16.03 -54.49
N LEU D 3 4.16 -10.11 -20.32
CA LEU D 3 3.62 -8.77 -20.49
C LEU D 3 3.92 -7.92 -19.25
N TYR D 4 3.79 -6.59 -19.44
CA TYR D 4 4.09 -5.58 -18.42
C TYR D 4 3.36 -5.85 -17.11
N MET D 5 4.14 -6.03 -16.03
CA MET D 5 3.65 -6.23 -14.65
C MET D 5 2.73 -7.46 -14.55
N LEU D 6 2.93 -8.44 -15.43
CA LEU D 6 2.19 -9.70 -15.36
C LEU D 6 3.18 -10.85 -15.27
N PRO D 7 2.80 -11.95 -14.59
CA PRO D 7 3.70 -13.11 -14.43
C PRO D 7 4.44 -13.53 -15.72
MG MG E . -0.02 2.80 -6.35
MG MG F . 0.41 -10.67 25.45
C2 O3V G . -14.03 7.01 -4.57
C3 O3V G . -13.63 8.19 -5.31
C4 O3V G . -14.19 9.45 -4.98
C5 O3V G . -15.10 9.47 -3.91
C6 O3V G . -15.94 10.65 -3.59
C7 O3V G . -17.17 10.43 -2.69
C8 O3V G . -16.76 9.59 -1.49
C13 O3V G . -12.68 7.73 -6.21
C17 O3V G . -10.53 4.61 -8.53
C18 O3V G . -9.95 3.61 -7.75
C19 O3V G . -10.23 3.52 -6.38
C20 O3V G . -11.11 4.41 -5.80
C21 O3V G . -15.59 10.30 -0.83
C22 O3V G . -17.92 9.43 -0.49
C25 O3V G . -14.01 10.63 -7.21
C26 O3V G . -13.29 11.73 -7.78
C27 O3V G . -12.57 12.44 -6.86
C10 O3V G . -15.40 8.23 -3.20
C15 O3V G . -11.68 5.40 -6.62
C16 O3V G . -11.41 5.53 -7.97
C24 O3V G . -13.77 10.54 -5.85
C9 O3V G . -16.37 8.19 -2.00
N1 O3V G . -14.90 7.02 -3.53
N11 O3V G . -12.57 6.35 -5.98
N12 O3V G . -13.38 5.94 -4.99
O14 O3V G . -15.71 11.75 -4.07
O23 O3V G . -11.92 8.32 -7.09
S28 O3V G . -12.73 11.78 -5.28
H29 O3V G . -17.97 9.95 -3.26
H30 O3V G . -17.58 11.38 -2.37
H34 O3V G . -10.29 4.66 -9.59
H35 O3V G . -9.26 2.90 -8.21
H36 O3V G . -9.76 2.74 -5.77
H37 O3V G . -11.35 4.34 -4.75
H39 O3V G . -15.82 11.34 -0.58
H38 O3V G . -14.71 10.33 -1.45
H40 O3V G . -15.28 9.83 0.11
H41 O3V G . -18.23 10.38 -0.06
H42 O3V G . -17.65 8.80 0.35
H43 O3V G . -18.80 8.99 -0.93
H45 O3V G . -14.65 9.97 -7.79
H46 O3V G . -13.33 11.96 -8.85
H47 O3V G . -11.94 13.31 -7.04
H33 O3V G . -11.86 6.31 -8.58
H32 O3V G . -17.26 7.63 -2.28
H31 O3V G . -15.92 7.62 -1.19
H44 O3V G . -12.11 9.30 -7.02
C2 O3V H . 11.02 11.82 -2.84
C3 O3V H . 11.46 11.51 -4.17
C4 O3V H . 12.82 11.46 -4.45
C5 O3V H . 13.66 11.69 -3.38
C6 O3V H . 15.09 11.89 -3.56
C7 O3V H . 15.89 12.55 -2.38
C8 O3V H . 15.53 11.82 -1.11
C13 O3V H . 10.30 11.26 -4.91
C17 O3V H . 5.78 10.27 -3.60
C18 O3V H . 5.20 10.73 -4.77
C19 O3V H . 5.96 11.45 -5.72
C20 O3V H . 7.33 11.69 -5.49
C21 O3V H . 15.82 10.35 -1.36
C22 O3V H . 16.29 12.36 0.15
C25 O3V H . 12.92 12.03 -6.96
C26 O3V H . 13.29 11.39 -8.21
C27 O3V H . 13.79 10.13 -8.00
C10 O3V H . 13.13 11.92 -2.06
C15 O3V H . 7.88 11.22 -4.29
C16 O3V H . 7.13 10.53 -3.33
C24 O3V H . 13.17 11.19 -5.84
C9 O3V H . 14.03 12.03 -0.83
N1 O3V H . 11.88 12.02 -1.78
N11 O3V H . 9.27 11.42 -4.03
N12 O3V H . 9.69 11.79 -2.75
O14 O3V H . 15.63 11.55 -4.60
O23 O3V H . 10.07 10.90 -6.17
S28 O3V H . 13.85 9.67 -6.29
H29 O3V H . 16.96 12.50 -2.57
H30 O3V H . 15.66 13.61 -2.31
H34 O3V H . 5.19 9.71 -2.87
H35 O3V H . 4.14 10.54 -4.97
H36 O3V H . 5.49 11.81 -6.63
H37 O3V H . 7.93 12.24 -6.22
H39 O3V H . 15.68 9.72 -0.49
H38 O3V H . 15.20 9.91 -2.14
H40 O3V H . 16.86 10.17 -1.68
H41 O3V H . 16.12 13.42 0.33
H42 O3V H . 16.00 11.85 1.07
H43 O3V H . 17.37 12.25 0.07
H45 O3V H . 12.50 13.03 -6.92
H46 O3V H . 13.16 11.88 -9.19
H47 O3V H . 14.14 9.42 -8.76
H33 O3V H . 7.58 10.19 -2.41
H32 O3V H . 13.89 13.01 -0.37
H31 O3V H . 13.70 11.32 -0.08
H44 O3V H . 10.96 10.80 -6.60
#